data_5RAV
#
_entry.id   5RAV
#
_cell.length_a   57.750
_cell.length_b   93.690
_cell.length_c   93.568
_cell.angle_alpha   90.000
_cell.angle_beta   107.930
_cell.angle_gamma   90.000
#
_symmetry.space_group_name_H-M   'P 1 21 1'
#
loop_
_entity.id
_entity.type
_entity.pdbx_description
1 polymer 'Lysine-specific demethylase 3B'
2 non-polymer cyclopropyl-[4-[(2~{S})-oxolan-2-yl]carbonylpiperazin-1-yl]methanone
3 non-polymer 'CHLORIDE ION'
4 non-polymer 'MANGANESE (II) ION'
5 water water
#
_entity_poly.entity_id   1
_entity_poly.type   'polypeptide(L)'
_entity_poly.pdbx_seq_one_letter_code
;MHHHHHHSSGVDLGTENLYFQSMTSHSWLCDGRLLCLHDPSNKNNWKIFRECWKQGQPVLVSGVHKKLKSELWKPEAFSQ
EFGDQDVDLVNCRNCAIISDVKVRDFWDGFEIICKRLRSEDGQPMVLKLKDWPPGEDFRDMMPTRFEDLMENLPLPEYTK
RDGRLNLASRLPSYFVRPDLGPKMYNAYGLITAEDRRVGTTNLHLDVSDAVNVMVYVGIPIGEGAHDEEVLKTIDEGDAD
EVTKERIHDHKEKPGALWHIYAAKDAEKIRELLRKVGEEQGQENPPDHDPIHDQSWYLDQTLRKRLYEEYGVQGWAIVQF
LGDAVFIPAGAPHQVHNLYSCIKVAEDFVSPEHVKHCFRLTQEFRHLSNTHT
;
_entity_poly.pdbx_strand_id   A,B
#
loop_
_chem_comp.id
_chem_comp.type
_chem_comp.name
_chem_comp.formula
CL non-polymer 'CHLORIDE ION' 'Cl -1'
MN non-polymer 'MANGANESE (II) ION' 'Mn 2'
S9G non-polymer cyclopropyl-[4-[(2~{S})-oxolan-2-yl]carbonylpiperazin-1-yl]methanone 'C13 H20 N2 O3'
#
# COMPACT_ATOMS: atom_id res chain seq x y z
N SER A 22 -25.19 -12.37 43.06
CA SER A 22 -24.75 -10.97 43.36
C SER A 22 -24.03 -10.34 42.15
N MET A 23 -24.31 -9.06 41.87
N MET A 23 -24.29 -9.07 41.84
CA MET A 23 -23.50 -8.19 40.98
CA MET A 23 -23.55 -8.31 40.78
C MET A 23 -22.05 -8.28 41.42
C MET A 23 -22.11 -8.07 41.28
N THR A 24 -21.12 -8.50 40.49
CA THR A 24 -19.67 -8.48 40.81
C THR A 24 -18.94 -7.66 39.74
N SER A 25 -17.78 -7.15 40.10
CA SER A 25 -16.96 -6.25 39.23
C SER A 25 -16.46 -7.05 38.00
N HIS A 26 -16.12 -8.34 38.17
CA HIS A 26 -15.46 -9.16 37.12
C HIS A 26 -15.50 -10.64 37.47
N SER A 27 -15.07 -11.46 36.51
CA SER A 27 -14.90 -12.92 36.62
C SER A 27 -13.82 -13.35 35.62
N TRP A 28 -13.56 -14.66 35.54
CA TRP A 28 -12.48 -15.19 34.68
C TRP A 28 -13.08 -16.21 33.70
N LEU A 29 -12.58 -16.21 32.48
CA LEU A 29 -12.85 -17.30 31.51
C LEU A 29 -11.53 -17.94 31.11
N CYS A 30 -11.55 -18.87 30.15
CA CYS A 30 -10.33 -19.57 29.66
C CYS A 30 -9.52 -20.09 30.86
N ASP A 31 -10.20 -20.65 31.86
CA ASP A 31 -9.56 -21.25 33.07
C ASP A 31 -8.66 -20.25 33.80
N GLY A 32 -9.05 -18.97 33.93
CA GLY A 32 -8.26 -17.92 34.61
C GLY A 32 -7.39 -17.07 33.70
N ARG A 33 -7.28 -17.42 32.41
CA ARG A 33 -6.35 -16.71 31.48
C ARG A 33 -7.02 -15.48 30.81
N LEU A 34 -8.33 -15.28 30.96
CA LEU A 34 -9.09 -14.16 30.29
C LEU A 34 -9.92 -13.40 31.34
N LEU A 35 -9.61 -12.11 31.54
CA LEU A 35 -10.44 -11.17 32.33
C LEU A 35 -11.79 -10.94 31.65
N CYS A 36 -12.88 -11.07 32.41
N CYS A 36 -12.87 -11.00 32.43
CA CYS A 36 -14.26 -10.67 31.99
CA CYS A 36 -14.26 -10.65 32.01
C CYS A 36 -14.79 -9.57 32.91
C CYS A 36 -14.82 -9.57 32.92
N LEU A 37 -14.82 -8.32 32.44
CA LEU A 37 -15.37 -7.18 33.21
C LEU A 37 -16.89 -7.16 33.07
N HIS A 38 -17.64 -6.86 34.14
CA HIS A 38 -19.13 -7.05 34.07
C HIS A 38 -19.90 -5.73 33.83
N ASP A 39 -19.36 -4.60 34.23
CA ASP A 39 -20.03 -3.27 34.15
C ASP A 39 -19.26 -2.42 33.14
N PRO A 40 -19.79 -2.22 31.91
CA PRO A 40 -19.04 -1.48 30.88
C PRO A 40 -18.70 -0.03 31.24
N SER A 41 -19.42 0.60 32.18
CA SER A 41 -19.24 2.05 32.50
C SER A 41 -18.66 2.23 33.91
N ASN A 42 -18.13 1.18 34.53
CA ASN A 42 -17.51 1.28 35.87
C ASN A 42 -16.21 2.08 35.75
N LYS A 43 -16.14 3.23 36.44
CA LYS A 43 -14.98 4.16 36.38
C LYS A 43 -13.71 3.53 36.95
N ASN A 44 -13.79 2.41 37.70
CA ASN A 44 -12.60 1.72 38.28
C ASN A 44 -12.11 0.54 37.41
N ASN A 45 -12.68 0.33 36.22
CA ASN A 45 -12.31 -0.82 35.34
C ASN A 45 -10.81 -0.80 34.99
N TRP A 46 -10.24 0.38 34.78
CA TRP A 46 -8.83 0.52 34.34
C TRP A 46 -7.85 -0.20 35.29
N LYS A 47 -8.14 -0.25 36.60
CA LYS A 47 -7.24 -0.83 37.63
C LYS A 47 -7.02 -2.34 37.43
N ILE A 48 -8.07 -3.08 37.09
CA ILE A 48 -8.06 -4.55 36.80
C ILE A 48 -7.57 -4.76 35.35
N PHE A 49 -8.02 -3.93 34.42
CA PHE A 49 -7.69 -4.02 32.97
C PHE A 49 -6.19 -3.90 32.69
N ARG A 50 -5.54 -2.88 33.26
N ARG A 50 -5.52 -2.89 33.25
CA ARG A 50 -4.17 -2.44 32.87
CA ARG A 50 -4.17 -2.50 32.78
C ARG A 50 -3.16 -3.56 33.15
C ARG A 50 -3.15 -3.60 33.14
N GLU A 51 -3.36 -4.32 34.24
CA GLU A 51 -2.46 -5.44 34.65
C GLU A 51 -2.51 -6.60 33.62
N CYS A 52 -3.70 -6.95 33.14
CA CYS A 52 -3.85 -8.02 32.11
C CYS A 52 -3.38 -7.52 30.74
N TRP A 53 -3.74 -6.31 30.41
CA TRP A 53 -3.40 -5.73 29.08
C TRP A 53 -1.88 -5.61 28.91
N LYS A 54 -1.16 -5.23 29.98
CA LYS A 54 0.32 -5.04 29.89
C LYS A 54 0.99 -6.39 29.59
N GLN A 55 0.35 -7.51 29.92
CA GLN A 55 0.91 -8.87 29.69
C GLN A 55 0.56 -9.39 28.29
N GLY A 56 -0.11 -8.59 27.48
CA GLY A 56 -0.40 -8.94 26.07
C GLY A 56 -1.62 -9.85 25.96
N GLN A 57 -2.46 -9.90 27.00
CA GLN A 57 -3.72 -10.71 26.95
C GLN A 57 -4.88 -9.94 26.32
N PRO A 58 -5.81 -10.64 25.62
CA PRO A 58 -7.11 -10.06 25.28
C PRO A 58 -7.94 -9.93 26.56
N VAL A 59 -9.02 -9.14 26.48
CA VAL A 59 -9.95 -8.82 27.60
C VAL A 59 -11.38 -8.83 27.02
N LEU A 60 -12.34 -9.37 27.78
CA LEU A 60 -13.78 -9.30 27.41
C LEU A 60 -14.52 -8.34 28.35
N VAL A 61 -15.45 -7.52 27.80
CA VAL A 61 -16.35 -6.69 28.67
C VAL A 61 -17.80 -7.01 28.28
N SER A 62 -18.60 -7.52 29.21
CA SER A 62 -20.01 -7.89 28.89
C SER A 62 -20.97 -6.71 29.18
N GLY A 63 -22.14 -6.70 28.54
CA GLY A 63 -23.26 -5.83 28.93
C GLY A 63 -23.39 -4.55 28.11
N VAL A 64 -22.61 -4.37 27.03
CA VAL A 64 -22.60 -3.09 26.25
C VAL A 64 -23.97 -2.88 25.54
N HIS A 65 -24.67 -3.95 25.19
CA HIS A 65 -25.99 -3.88 24.51
C HIS A 65 -26.99 -3.12 25.39
N LYS A 66 -26.88 -3.28 26.71
CA LYS A 66 -27.81 -2.61 27.64
C LYS A 66 -27.58 -1.08 27.66
N LYS A 67 -26.45 -0.57 27.14
CA LYS A 67 -26.14 0.88 27.13
C LYS A 67 -26.58 1.51 25.82
N LEU A 68 -26.93 0.72 24.80
CA LEU A 68 -27.19 1.20 23.42
C LEU A 68 -28.71 1.38 23.18
N LYS A 69 -29.08 2.12 22.15
CA LYS A 69 -30.48 2.28 21.66
C LYS A 69 -30.74 1.14 20.66
N SER A 70 -31.39 0.08 21.11
CA SER A 70 -31.51 -1.21 20.39
C SER A 70 -32.17 -1.02 19.01
N GLU A 71 -33.05 -0.02 18.84
CA GLU A 71 -33.73 0.23 17.54
C GLU A 71 -32.72 0.71 16.46
N LEU A 72 -31.56 1.28 16.82
CA LEU A 72 -30.55 1.76 15.83
C LEU A 72 -29.73 0.59 15.24
N TRP A 73 -29.83 -0.63 15.79
CA TRP A 73 -28.90 -1.74 15.45
C TRP A 73 -29.66 -2.95 14.87
N LYS A 74 -30.82 -2.75 14.24
CA LYS A 74 -31.65 -3.86 13.68
C LYS A 74 -31.40 -4.01 12.20
N PRO A 75 -31.28 -5.24 11.67
CA PRO A 75 -31.08 -5.44 10.23
C PRO A 75 -32.17 -4.80 9.34
N GLU A 76 -33.45 -4.84 9.76
CA GLU A 76 -34.58 -4.23 8.97
C GLU A 76 -34.39 -2.70 8.84
N ALA A 77 -33.85 -2.02 9.85
CA ALA A 77 -33.60 -0.56 9.77
C ALA A 77 -32.48 -0.28 8.76
N PHE A 78 -31.39 -1.06 8.76
CA PHE A 78 -30.29 -0.86 7.78
C PHE A 78 -30.85 -1.03 6.36
N SER A 79 -31.68 -2.04 6.14
CA SER A 79 -32.25 -2.32 4.79
C SER A 79 -33.13 -1.16 4.31
N GLN A 80 -34.03 -0.67 5.16
CA GLN A 80 -34.99 0.44 4.87
C GLN A 80 -34.22 1.72 4.57
N GLU A 81 -33.24 2.09 5.41
CA GLU A 81 -32.51 3.38 5.28
C GLU A 81 -31.45 3.35 4.17
N PHE A 82 -30.79 2.22 3.89
CA PHE A 82 -29.57 2.21 3.03
C PHE A 82 -29.69 1.19 1.88
N GLY A 83 -30.84 0.52 1.73
CA GLY A 83 -31.01 -0.66 0.85
C GLY A 83 -30.62 -0.46 -0.59
N ASP A 84 -30.65 0.79 -1.10
CA ASP A 84 -30.36 1.09 -2.53
C ASP A 84 -28.88 1.30 -2.85
N GLN A 85 -27.97 1.27 -1.86
CA GLN A 85 -26.52 1.36 -2.13
C GLN A 85 -26.00 0.12 -2.81
N ASP A 86 -25.04 0.28 -3.71
CA ASP A 86 -24.33 -0.82 -4.43
C ASP A 86 -23.13 -1.33 -3.60
N VAL A 87 -22.96 -2.66 -3.52
CA VAL A 87 -21.94 -3.29 -2.64
C VAL A 87 -21.48 -4.57 -3.29
N ASP A 88 -20.37 -5.14 -2.78
CA ASP A 88 -19.91 -6.50 -3.11
C ASP A 88 -20.09 -7.37 -1.86
N LEU A 89 -20.41 -8.63 -2.08
CA LEU A 89 -20.52 -9.67 -1.00
C LEU A 89 -19.43 -10.71 -1.21
N VAL A 90 -19.10 -11.48 -0.17
CA VAL A 90 -18.23 -12.66 -0.28
C VAL A 90 -18.99 -13.94 0.10
N ASN A 91 -18.86 -15.00 -0.69
CA ASN A 91 -19.38 -16.34 -0.34
C ASN A 91 -18.36 -16.97 0.63
N CYS A 92 -18.72 -17.11 1.91
CA CYS A 92 -17.77 -17.55 2.97
C CYS A 92 -17.26 -18.98 2.71
N ARG A 93 -18.02 -19.83 2.01
CA ARG A 93 -17.70 -21.28 1.83
C ARG A 93 -16.54 -21.45 0.82
N ASN A 94 -16.44 -20.60 -0.19
CA ASN A 94 -15.47 -20.77 -1.31
C ASN A 94 -14.75 -19.46 -1.65
N CYS A 95 -14.95 -18.36 -0.93
CA CYS A 95 -14.33 -17.02 -1.16
C CYS A 95 -14.70 -16.33 -2.49
N ALA A 96 -15.68 -16.83 -3.24
CA ALA A 96 -16.16 -16.16 -4.47
C ALA A 96 -16.71 -14.78 -4.12
N ILE A 97 -16.46 -13.80 -4.99
CA ILE A 97 -17.01 -12.43 -4.81
C ILE A 97 -18.31 -12.29 -5.60
N ILE A 98 -19.36 -11.78 -4.97
CA ILE A 98 -20.63 -11.44 -5.67
C ILE A 98 -20.60 -9.92 -5.89
N SER A 99 -20.40 -9.50 -7.14
CA SER A 99 -20.12 -8.07 -7.49
C SER A 99 -21.37 -7.25 -7.74
N ASP A 100 -21.39 -6.04 -7.22
CA ASP A 100 -22.27 -4.93 -7.64
C ASP A 100 -23.74 -5.33 -7.49
N VAL A 101 -24.12 -5.79 -6.29
CA VAL A 101 -25.55 -6.04 -5.93
C VAL A 101 -26.00 -4.92 -4.97
N LYS A 102 -27.30 -4.83 -4.69
CA LYS A 102 -27.87 -3.87 -3.72
C LYS A 102 -27.68 -4.38 -2.30
N VAL A 103 -27.44 -3.48 -1.36
CA VAL A 103 -27.20 -3.90 0.04
C VAL A 103 -28.48 -4.51 0.64
N ARG A 104 -29.68 -4.15 0.17
CA ARG A 104 -30.90 -4.88 0.63
C ARG A 104 -30.85 -6.38 0.28
N ASP A 105 -30.15 -6.79 -0.78
CA ASP A 105 -30.11 -8.23 -1.17
C ASP A 105 -29.40 -9.03 -0.07
N PHE A 106 -28.45 -8.41 0.64
CA PHE A 106 -27.82 -8.99 1.86
C PHE A 106 -28.76 -8.88 3.07
N TRP A 107 -29.21 -7.68 3.44
CA TRP A 107 -29.96 -7.48 4.72
C TRP A 107 -31.28 -8.28 4.74
N ASP A 108 -32.01 -8.37 3.62
CA ASP A 108 -33.34 -9.05 3.64
C ASP A 108 -33.22 -10.58 3.86
N GLY A 109 -32.05 -11.19 3.60
CA GLY A 109 -31.76 -12.60 3.93
C GLY A 109 -31.04 -12.81 5.30
N PHE A 110 -30.91 -11.80 6.15
CA PHE A 110 -30.05 -11.87 7.37
C PHE A 110 -30.55 -12.96 8.31
N GLU A 111 -31.87 -13.00 8.53
CA GLU A 111 -32.55 -13.96 9.45
C GLU A 111 -33.51 -14.89 8.71
N ILE A 112 -34.06 -14.52 7.56
CA ILE A 112 -35.00 -15.39 6.81
C ILE A 112 -34.25 -16.15 5.73
N ILE A 113 -34.06 -17.45 5.90
CA ILE A 113 -33.15 -18.24 5.04
C ILE A 113 -33.71 -18.37 3.61
N CYS A 114 -35.05 -18.52 3.44
CA CYS A 114 -35.78 -18.60 2.12
C CYS A 114 -35.60 -17.29 1.33
N LYS A 115 -34.91 -16.26 1.84
CA LYS A 115 -34.72 -15.02 1.07
C LYS A 115 -33.25 -14.85 0.65
N ARG A 116 -32.36 -15.77 1.02
CA ARG A 116 -30.93 -15.63 0.66
C ARG A 116 -30.66 -15.95 -0.82
N LEU A 117 -29.68 -15.25 -1.40
CA LEU A 117 -29.06 -15.59 -2.70
C LEU A 117 -28.57 -17.03 -2.67
N ARG A 118 -28.77 -17.79 -3.77
CA ARG A 118 -28.44 -19.23 -3.87
C ARG A 118 -27.23 -19.45 -4.75
N SER A 119 -26.38 -20.42 -4.35
CA SER A 119 -25.27 -20.94 -5.17
C SER A 119 -25.87 -21.85 -6.26
N GLU A 120 -25.07 -22.21 -7.27
CA GLU A 120 -25.47 -23.11 -8.39
C GLU A 120 -26.07 -24.41 -7.84
N ASP A 121 -25.52 -24.94 -6.76
CA ASP A 121 -26.01 -26.19 -6.13
C ASP A 121 -27.44 -26.00 -5.61
N GLY A 122 -27.97 -24.78 -5.60
CA GLY A 122 -29.32 -24.46 -5.11
C GLY A 122 -29.42 -24.31 -3.59
N GLN A 123 -28.31 -24.24 -2.84
CA GLN A 123 -28.38 -24.04 -1.37
C GLN A 123 -28.40 -22.54 -1.10
N PRO A 124 -28.98 -22.06 0.01
CA PRO A 124 -28.76 -20.67 0.37
C PRO A 124 -27.29 -20.43 0.79
N MET A 125 -26.71 -19.32 0.35
CA MET A 125 -25.29 -19.01 0.60
C MET A 125 -25.09 -18.43 2.00
N VAL A 126 -23.91 -18.68 2.59
CA VAL A 126 -23.42 -17.96 3.79
C VAL A 126 -22.60 -16.78 3.32
N LEU A 127 -23.11 -15.56 3.49
CA LEU A 127 -22.54 -14.33 2.91
C LEU A 127 -21.98 -13.38 3.99
N LYS A 128 -20.93 -12.67 3.61
CA LYS A 128 -20.29 -11.54 4.31
C LYS A 128 -20.47 -10.30 3.42
N LEU A 129 -20.93 -9.19 4.01
CA LEU A 129 -21.03 -7.86 3.37
C LEU A 129 -19.66 -7.17 3.47
N LYS A 130 -19.03 -6.97 2.33
CA LYS A 130 -17.63 -6.45 2.27
C LYS A 130 -17.62 -4.93 2.40
N ASP A 131 -16.77 -4.37 3.26
CA ASP A 131 -16.36 -2.93 3.24
C ASP A 131 -17.60 -2.03 3.23
N TRP A 132 -18.48 -2.16 4.21
CA TRP A 132 -19.75 -1.36 4.32
C TRP A 132 -20.03 -1.01 5.77
N PRO A 133 -20.25 0.28 6.11
CA PRO A 133 -19.96 1.42 5.23
C PRO A 133 -18.51 1.50 4.73
N PRO A 134 -18.28 2.02 3.51
CA PRO A 134 -16.98 1.91 2.88
C PRO A 134 -15.93 2.89 3.47
N GLY A 135 -14.66 2.45 3.49
CA GLY A 135 -13.51 3.22 3.99
C GLY A 135 -13.81 3.81 5.36
N GLU A 136 -13.74 5.14 5.48
CA GLU A 136 -13.90 5.90 6.74
C GLU A 136 -15.28 6.57 6.78
N ASP A 137 -16.26 6.11 6.00
CA ASP A 137 -17.54 6.85 5.82
C ASP A 137 -18.58 6.54 6.91
N PHE A 138 -18.29 5.72 7.94
CA PHE A 138 -19.33 5.35 8.96
C PHE A 138 -19.95 6.63 9.55
N ARG A 139 -19.11 7.56 10.01
CA ARG A 139 -19.57 8.79 10.73
C ARG A 139 -20.47 9.66 9.83
N ASP A 140 -20.09 9.85 8.58
CA ASP A 140 -20.84 10.68 7.60
C ASP A 140 -22.18 10.00 7.28
N MET A 141 -22.19 8.67 7.11
CA MET A 141 -23.42 7.95 6.64
C MET A 141 -24.41 7.76 7.80
N MET A 142 -23.90 7.55 9.02
CA MET A 142 -24.70 7.10 10.18
C MET A 142 -24.34 7.92 11.44
N PRO A 143 -24.57 9.25 11.46
CA PRO A 143 -24.16 10.08 12.60
C PRO A 143 -24.78 9.68 13.94
N THR A 144 -26.04 9.23 13.97
CA THR A 144 -26.73 8.83 15.22
C THR A 144 -26.14 7.50 15.76
N ARG A 145 -25.85 6.52 14.89
CA ARG A 145 -25.17 5.24 15.26
C ARG A 145 -23.76 5.54 15.80
N PHE A 146 -23.02 6.40 15.13
CA PHE A 146 -21.66 6.83 15.54
C PHE A 146 -21.69 7.36 16.99
N GLU A 147 -22.59 8.31 17.29
CA GLU A 147 -22.76 8.89 18.64
C GLU A 147 -23.09 7.78 19.66
N ASP A 148 -24.05 6.90 19.36
CA ASP A 148 -24.55 5.86 20.31
C ASP A 148 -23.40 4.92 20.68
N LEU A 149 -22.60 4.53 19.70
CA LEU A 149 -21.46 3.59 19.90
C LEU A 149 -20.35 4.32 20.69
N MET A 150 -19.86 5.45 20.17
CA MET A 150 -18.64 6.10 20.74
C MET A 150 -18.86 6.55 22.19
N GLU A 151 -20.09 6.94 22.55
CA GLU A 151 -20.43 7.42 23.92
C GLU A 151 -20.54 6.24 24.88
N ASN A 152 -20.57 5.00 24.40
CA ASN A 152 -20.83 3.82 25.25
C ASN A 152 -19.68 2.79 25.17
N LEU A 153 -18.58 3.10 24.52
CA LEU A 153 -17.43 2.15 24.49
C LEU A 153 -16.85 2.02 25.91
N PRO A 154 -16.51 0.80 26.34
CA PRO A 154 -15.80 0.61 27.63
C PRO A 154 -14.34 1.08 27.56
N LEU A 155 -13.69 1.26 28.72
CA LEU A 155 -12.30 1.74 28.88
C LEU A 155 -12.11 3.02 28.03
N PRO A 156 -12.94 4.06 28.25
CA PRO A 156 -12.97 5.22 27.33
C PRO A 156 -11.66 6.03 27.25
N GLU A 157 -10.78 5.98 28.26
CA GLU A 157 -9.47 6.68 28.18
C GLU A 157 -8.56 6.01 27.14
N TYR A 158 -8.72 4.70 26.90
CA TYR A 158 -8.04 3.94 25.82
C TYR A 158 -8.77 4.08 24.46
N THR A 159 -10.11 3.96 24.45
CA THR A 159 -10.85 3.65 23.21
C THR A 159 -11.43 4.91 22.51
N LYS A 160 -11.68 6.01 23.20
CA LYS A 160 -12.23 7.24 22.54
C LYS A 160 -11.14 7.93 21.68
N ARG A 161 -11.54 8.63 20.60
CA ARG A 161 -10.58 9.17 19.60
C ARG A 161 -9.55 10.07 20.29
N ASP A 162 -9.98 10.78 21.32
CA ASP A 162 -9.20 11.77 22.09
C ASP A 162 -9.00 11.31 23.54
N GLY A 163 -9.12 10.01 23.85
CA GLY A 163 -8.82 9.55 25.22
C GLY A 163 -7.38 9.82 25.57
N ARG A 164 -7.10 10.08 26.85
CA ARG A 164 -5.75 10.38 27.40
C ARG A 164 -4.77 9.22 27.14
N LEU A 165 -5.21 7.95 27.10
CA LEU A 165 -4.31 6.80 26.84
C LEU A 165 -4.47 6.25 25.43
N ASN A 166 -5.04 7.01 24.50
CA ASN A 166 -5.03 6.66 23.05
C ASN A 166 -4.00 7.56 22.35
N LEU A 167 -2.89 7.01 21.92
CA LEU A 167 -1.80 7.82 21.28
C LEU A 167 -2.10 8.01 19.77
N ALA A 168 -3.23 7.56 19.23
CA ALA A 168 -3.46 7.55 17.76
C ALA A 168 -3.23 8.95 17.17
N SER A 169 -3.76 9.98 17.82
CA SER A 169 -3.76 11.37 17.30
C SER A 169 -2.46 12.10 17.66
N ARG A 170 -1.54 11.47 18.36
CA ARG A 170 -0.38 12.13 19.01
C ARG A 170 0.93 11.61 18.43
N LEU A 171 0.91 10.76 17.41
CA LEU A 171 2.18 10.08 17.01
C LEU A 171 2.74 10.67 15.71
N PRO A 172 4.07 10.77 15.53
CA PRO A 172 4.60 11.20 14.23
C PRO A 172 4.58 10.05 13.21
N SER A 173 5.06 10.32 12.00
CA SER A 173 4.94 9.44 10.81
C SER A 173 5.84 8.21 10.92
N TYR A 174 6.73 8.20 11.89
CA TYR A 174 7.52 7.02 12.27
C TYR A 174 6.61 5.88 12.80
N PHE A 175 5.33 6.15 13.05
CA PHE A 175 4.34 5.12 13.50
C PHE A 175 3.21 4.97 12.48
N VAL A 176 2.78 3.74 12.21
CA VAL A 176 1.57 3.47 11.38
C VAL A 176 0.35 3.81 12.23
N ARG A 177 -0.44 4.77 11.79
CA ARG A 177 -1.62 5.27 12.51
C ARG A 177 -2.87 4.56 11.97
N PRO A 178 -3.85 4.22 12.82
CA PRO A 178 -5.08 3.59 12.33
C PRO A 178 -5.96 4.59 11.55
N ASP A 179 -6.79 4.09 10.63
CA ASP A 179 -7.79 4.90 9.89
C ASP A 179 -8.78 5.41 10.92
N LEU A 180 -9.55 6.44 10.54
CA LEU A 180 -10.75 6.91 11.30
C LEU A 180 -11.85 5.83 11.21
N GLY A 181 -12.37 5.41 12.36
CA GLY A 181 -13.36 4.32 12.46
C GLY A 181 -14.67 4.95 12.90
N PRO A 182 -15.59 4.17 13.46
CA PRO A 182 -15.49 2.73 13.51
C PRO A 182 -15.72 2.02 12.16
N LYS A 183 -15.59 0.71 12.17
CA LYS A 183 -15.84 -0.17 10.99
C LYS A 183 -16.91 -1.19 11.37
N MET A 184 -17.83 -1.47 10.47
CA MET A 184 -18.92 -2.41 10.71
C MET A 184 -18.58 -3.73 10.04
N TYR A 185 -18.90 -4.85 10.69
CA TYR A 185 -18.60 -6.23 10.22
C TYR A 185 -19.90 -7.05 10.27
N ASN A 186 -20.47 -7.34 9.10
CA ASN A 186 -21.82 -7.92 8.93
C ASN A 186 -21.68 -9.22 8.14
N ALA A 187 -22.17 -10.34 8.68
CA ALA A 187 -22.09 -11.64 7.99
C ALA A 187 -23.11 -12.62 8.57
N TYR A 188 -23.56 -13.55 7.70
CA TYR A 188 -24.46 -14.65 8.12
C TYR A 188 -23.70 -15.62 9.04
N GLY A 189 -24.42 -16.49 9.73
CA GLY A 189 -23.89 -17.63 10.51
C GLY A 189 -23.52 -18.80 9.62
N LEU A 190 -22.42 -19.47 9.95
CA LEU A 190 -22.02 -20.75 9.33
C LEU A 190 -22.92 -21.85 9.91
N ILE A 191 -23.26 -22.84 9.09
CA ILE A 191 -24.44 -23.71 9.35
C ILE A 191 -24.02 -25.18 9.51
N THR A 192 -23.32 -25.76 8.54
CA THR A 192 -23.16 -27.23 8.42
C THR A 192 -21.93 -27.75 9.16
N ALA A 193 -21.81 -29.09 9.25
CA ALA A 193 -20.60 -29.79 9.72
C ALA A 193 -19.40 -29.39 8.85
N GLU A 194 -19.53 -29.33 7.53
CA GLU A 194 -18.42 -28.90 6.64
C GLU A 194 -18.05 -27.43 6.94
N ASP A 195 -19.03 -26.59 7.27
CA ASP A 195 -18.79 -25.15 7.56
C ASP A 195 -17.88 -24.97 8.79
N ARG A 196 -17.75 -26.00 9.64
CA ARG A 196 -17.00 -25.90 10.94
C ARG A 196 -15.53 -25.52 10.66
N ARG A 197 -15.00 -25.88 9.50
CA ARG A 197 -13.58 -25.65 9.10
C ARG A 197 -13.36 -24.31 8.38
N VAL A 198 -14.38 -23.47 8.23
CA VAL A 198 -14.34 -22.22 7.39
C VAL A 198 -14.33 -21.03 8.34
N GLY A 199 -13.68 -19.93 7.98
CA GLY A 199 -13.74 -18.69 8.80
C GLY A 199 -14.75 -17.71 8.25
N THR A 200 -15.31 -16.85 9.08
CA THR A 200 -15.99 -15.60 8.65
C THR A 200 -14.91 -14.57 8.30
N THR A 201 -13.93 -14.39 9.20
CA THR A 201 -12.68 -13.64 8.95
C THR A 201 -11.50 -14.58 9.22
N ASN A 202 -10.62 -14.75 8.23
CA ASN A 202 -9.46 -15.67 8.34
C ASN A 202 -8.40 -15.07 9.28
N LEU A 203 -7.44 -15.90 9.67
CA LEU A 203 -6.34 -15.56 10.60
C LEU A 203 -5.52 -14.39 10.02
N HIS A 204 -5.35 -13.34 10.79
CA HIS A 204 -4.60 -12.11 10.40
C HIS A 204 -4.15 -11.37 11.64
N LEU A 205 -3.40 -10.28 11.48
CA LEU A 205 -3.07 -9.42 12.66
C LEU A 205 -3.21 -7.95 12.25
N ASP A 206 -3.34 -7.08 13.24
CA ASP A 206 -3.46 -5.61 13.06
C ASP A 206 -2.32 -4.97 13.87
N VAL A 207 -1.73 -3.89 13.37
CA VAL A 207 -0.61 -3.24 14.12
C VAL A 207 -1.13 -2.27 15.19
N SER A 208 -2.43 -1.98 15.21
N SER A 208 -2.42 -1.99 15.20
CA SER A 208 -3.10 -1.17 16.26
CA SER A 208 -3.12 -1.18 16.23
C SER A 208 -3.95 -2.08 17.16
C SER A 208 -3.88 -2.11 17.19
N ASP A 209 -4.24 -1.61 18.38
CA ASP A 209 -5.19 -2.28 19.28
C ASP A 209 -6.60 -2.14 18.66
N ALA A 210 -7.55 -2.98 19.04
CA ALA A 210 -8.95 -2.81 18.62
C ALA A 210 -9.91 -3.22 19.72
N VAL A 211 -11.10 -2.62 19.75
CA VAL A 211 -12.27 -3.08 20.56
C VAL A 211 -13.40 -3.42 19.60
N ASN A 212 -13.93 -4.63 19.69
CA ASN A 212 -14.96 -5.18 18.77
C ASN A 212 -16.21 -5.48 19.58
N VAL A 213 -17.32 -4.77 19.29
CA VAL A 213 -18.61 -4.90 20.03
C VAL A 213 -19.67 -5.65 19.22
N MET A 214 -20.28 -6.68 19.81
CA MET A 214 -21.41 -7.43 19.20
C MET A 214 -22.73 -6.66 19.50
N VAL A 215 -23.31 -6.00 18.50
CA VAL A 215 -24.47 -5.06 18.72
C VAL A 215 -25.77 -5.77 18.34
N TYR A 216 -25.71 -6.88 17.61
CA TYR A 216 -26.94 -7.63 17.20
C TYR A 216 -26.58 -9.05 16.81
N VAL A 217 -27.37 -10.03 17.27
CA VAL A 217 -27.28 -11.46 16.88
C VAL A 217 -28.67 -11.92 16.38
N GLY A 218 -28.69 -12.43 15.16
CA GLY A 218 -29.91 -12.89 14.47
C GLY A 218 -29.90 -14.38 14.42
N ILE A 219 -30.80 -15.00 15.17
CA ILE A 219 -30.99 -16.47 15.14
C ILE A 219 -32.11 -16.77 14.14
N PRO A 220 -31.82 -17.40 12.98
CA PRO A 220 -32.78 -17.48 11.90
C PRO A 220 -34.04 -18.35 12.09
N ILE A 221 -34.88 -18.33 11.05
CA ILE A 221 -36.20 -19.00 10.91
C ILE A 221 -36.28 -19.58 9.49
N GLY A 222 -36.94 -20.73 9.33
CA GLY A 222 -37.01 -21.46 8.05
C GLY A 222 -36.09 -22.66 8.06
N GLU A 223 -34.97 -22.54 8.79
CA GLU A 223 -34.04 -23.66 9.11
C GLU A 223 -33.59 -23.47 10.57
N GLY A 224 -34.49 -22.90 11.38
CA GLY A 224 -34.37 -22.77 12.85
C GLY A 224 -34.59 -24.10 13.55
N ALA A 225 -33.49 -24.74 13.94
CA ALA A 225 -33.39 -26.06 14.60
C ALA A 225 -31.92 -26.47 14.52
N HIS A 226 -31.10 -25.53 14.01
CA HIS A 226 -29.66 -25.66 13.70
C HIS A 226 -28.84 -25.38 14.96
N ASP A 227 -29.48 -25.52 16.12
CA ASP A 227 -28.96 -25.14 17.46
C ASP A 227 -27.96 -26.21 17.97
N GLU A 228 -28.07 -27.46 17.51
CA GLU A 228 -27.17 -28.56 17.99
C GLU A 228 -25.80 -28.56 17.31
N GLU A 229 -25.69 -28.20 16.02
CA GLU A 229 -24.36 -28.05 15.36
C GLU A 229 -23.59 -26.85 15.99
N VAL A 230 -24.30 -25.82 16.47
CA VAL A 230 -23.70 -24.67 17.23
C VAL A 230 -23.03 -25.19 18.51
N LEU A 231 -23.61 -26.18 19.22
CA LEU A 231 -22.99 -26.75 20.46
C LEU A 231 -21.71 -27.54 20.15
N LYS A 232 -21.73 -28.34 19.08
N LYS A 232 -21.75 -28.36 19.09
CA LYS A 232 -20.55 -29.14 18.65
CA LYS A 232 -20.57 -29.15 18.64
C LYS A 232 -19.43 -28.22 18.20
C LYS A 232 -19.43 -28.20 18.23
N THR A 233 -19.77 -27.08 17.59
CA THR A 233 -18.76 -26.09 17.11
C THR A 233 -18.01 -25.43 18.28
N ILE A 234 -18.75 -25.01 19.30
CA ILE A 234 -18.21 -24.42 20.57
C ILE A 234 -17.34 -25.45 21.31
N ASP A 235 -17.84 -26.67 21.42
CA ASP A 235 -17.12 -27.77 22.12
C ASP A 235 -15.81 -28.10 21.37
N GLU A 236 -15.89 -28.37 20.07
CA GLU A 236 -14.71 -28.70 19.23
C GLU A 236 -13.80 -27.46 19.10
N GLY A 237 -14.36 -26.25 19.27
CA GLY A 237 -13.61 -25.00 19.27
C GLY A 237 -12.76 -24.80 20.51
N ASP A 238 -12.88 -25.70 21.54
CA ASP A 238 -12.00 -25.73 22.76
C ASP A 238 -12.50 -24.72 23.81
N ALA A 239 -13.78 -24.32 23.77
CA ALA A 239 -14.38 -23.35 24.70
C ALA A 239 -14.37 -23.92 26.13
N ASP A 240 -14.18 -23.09 27.15
CA ASP A 240 -14.03 -23.55 28.56
C ASP A 240 -15.41 -23.90 29.12
N GLU A 241 -15.45 -24.59 30.27
CA GLU A 241 -16.72 -25.06 30.88
C GLU A 241 -17.59 -23.88 31.34
N VAL A 242 -17.00 -22.78 31.83
CA VAL A 242 -17.79 -21.59 32.31
C VAL A 242 -18.51 -20.90 31.12
N THR A 243 -17.84 -20.81 29.96
CA THR A 243 -18.42 -20.26 28.70
C THR A 243 -19.59 -21.17 28.31
N LYS A 244 -19.43 -22.49 28.41
CA LYS A 244 -20.56 -23.42 28.09
C LYS A 244 -21.75 -23.18 29.03
N GLU A 245 -21.50 -22.86 30.31
CA GLU A 245 -22.59 -22.52 31.26
C GLU A 245 -23.38 -21.27 30.80
N ARG A 246 -22.80 -20.28 30.08
CA ARG A 246 -23.50 -19.00 29.70
C ARG A 246 -24.72 -19.26 28.78
N ILE A 247 -24.65 -20.29 27.94
CA ILE A 247 -25.78 -20.76 27.06
C ILE A 247 -26.86 -21.43 27.93
N HIS A 248 -26.48 -22.54 28.56
CA HIS A 248 -27.39 -23.51 29.23
C HIS A 248 -28.07 -22.84 30.42
N ASP A 249 -27.35 -21.99 31.18
CA ASP A 249 -27.81 -21.46 32.49
C ASP A 249 -28.53 -20.10 32.34
N HIS A 250 -28.03 -19.18 31.49
CA HIS A 250 -28.50 -17.76 31.42
C HIS A 250 -29.24 -17.45 30.11
N LYS A 251 -29.26 -18.39 29.15
CA LYS A 251 -29.90 -18.25 27.82
C LYS A 251 -29.49 -16.91 27.15
N GLU A 252 -28.22 -16.52 27.22
CA GLU A 252 -27.64 -15.42 26.39
C GLU A 252 -27.50 -15.90 24.92
N LYS A 253 -27.48 -14.97 23.96
CA LYS A 253 -27.35 -15.26 22.49
C LYS A 253 -25.88 -15.25 22.09
N PRO A 254 -25.28 -16.41 21.71
CA PRO A 254 -23.90 -16.48 21.23
C PRO A 254 -23.85 -16.02 19.76
N GLY A 255 -22.92 -15.14 19.46
CA GLY A 255 -22.72 -14.63 18.09
C GLY A 255 -21.62 -15.33 17.34
N ALA A 256 -20.38 -15.34 17.91
CA ALA A 256 -19.18 -15.70 17.14
C ALA A 256 -18.13 -16.35 18.05
N LEU A 257 -17.43 -17.33 17.48
CA LEU A 257 -16.28 -18.05 18.11
C LEU A 257 -14.98 -17.43 17.56
N TRP A 258 -14.16 -16.88 18.45
CA TRP A 258 -12.82 -16.31 18.14
C TRP A 258 -11.72 -17.26 18.60
N HIS A 259 -10.59 -17.29 17.89
CA HIS A 259 -9.31 -17.79 18.46
C HIS A 259 -8.33 -16.63 18.36
N ILE A 260 -7.69 -16.30 19.48
CA ILE A 260 -6.68 -15.22 19.53
C ILE A 260 -5.37 -15.85 20.06
N TYR A 261 -4.23 -15.43 19.52
CA TYR A 261 -2.86 -15.86 19.89
C TYR A 261 -2.04 -14.64 20.31
N ALA A 262 -1.14 -14.84 21.28
CA ALA A 262 -0.25 -13.74 21.74
C ALA A 262 0.60 -13.26 20.57
N ALA A 263 0.91 -11.97 20.52
CA ALA A 263 1.79 -11.36 19.51
C ALA A 263 3.12 -12.12 19.47
N LYS A 264 3.60 -12.57 20.63
CA LYS A 264 4.96 -13.18 20.72
C LYS A 264 5.00 -14.52 19.97
N ASP A 265 3.84 -15.14 19.70
CA ASP A 265 3.75 -16.46 19.04
C ASP A 265 3.55 -16.36 17.51
N ALA A 266 3.46 -15.15 16.93
CA ALA A 266 3.12 -14.96 15.49
C ALA A 266 4.13 -15.66 14.57
N GLU A 267 5.44 -15.62 14.86
CA GLU A 267 6.44 -16.29 13.97
C GLU A 267 6.29 -17.82 14.00
N LYS A 268 6.09 -18.43 15.17
CA LYS A 268 5.83 -19.89 15.23
C LYS A 268 4.57 -20.25 14.43
N ILE A 269 3.52 -19.43 14.48
CA ILE A 269 2.32 -19.70 13.64
C ILE A 269 2.77 -19.61 12.17
N ARG A 270 3.54 -18.60 11.78
CA ARG A 270 3.99 -18.55 10.36
C ARG A 270 4.76 -19.84 9.99
N GLU A 271 5.62 -20.36 10.87
CA GLU A 271 6.39 -21.60 10.57
C GLU A 271 5.42 -22.76 10.33
N LEU A 272 4.38 -22.93 11.16
CA LEU A 272 3.39 -24.04 10.98
C LEU A 272 2.74 -23.87 9.60
N LEU A 273 2.29 -22.66 9.25
CA LEU A 273 1.49 -22.48 8.02
C LEU A 273 2.39 -22.61 6.77
N ARG A 274 3.68 -22.28 6.84
CA ARG A 274 4.64 -22.57 5.73
C ARG A 274 4.80 -24.09 5.52
N LYS A 275 4.92 -24.88 6.57
CA LYS A 275 5.04 -26.37 6.50
C LYS A 275 3.73 -26.96 5.96
N VAL A 276 2.57 -26.53 6.45
CA VAL A 276 1.28 -27.03 5.89
C VAL A 276 1.10 -26.61 4.43
N GLY A 277 1.40 -25.36 4.06
CA GLY A 277 1.33 -24.90 2.66
C GLY A 277 2.12 -25.84 1.75
N GLU A 278 3.33 -26.21 2.18
CA GLU A 278 4.24 -27.09 1.42
C GLU A 278 3.62 -28.49 1.34
N GLU A 279 3.18 -29.07 2.45
CA GLU A 279 2.51 -30.40 2.45
C GLU A 279 1.34 -30.42 1.45
N GLN A 280 0.60 -29.32 1.30
CA GLN A 280 -0.58 -29.25 0.40
C GLN A 280 -0.14 -28.85 -1.01
N GLY A 281 1.15 -28.94 -1.32
CA GLY A 281 1.69 -28.64 -2.66
C GLY A 281 1.50 -27.19 -3.08
N GLN A 282 1.29 -26.24 -2.16
CA GLN A 282 1.51 -24.80 -2.50
C GLN A 282 3.00 -24.64 -2.82
N GLU A 283 3.37 -23.65 -3.63
CA GLU A 283 4.79 -23.41 -3.98
C GLU A 283 5.11 -21.97 -3.61
N ASN A 284 5.67 -21.77 -2.40
CA ASN A 284 5.80 -20.47 -1.73
C ASN A 284 7.28 -20.24 -1.41
N PRO A 285 7.85 -19.01 -1.61
CA PRO A 285 9.21 -18.71 -1.16
C PRO A 285 9.37 -18.82 0.35
N PRO A 286 10.57 -19.18 0.86
CA PRO A 286 10.72 -19.60 2.26
C PRO A 286 10.35 -18.53 3.30
N ASP A 287 10.18 -17.29 2.83
CA ASP A 287 10.02 -16.07 3.67
C ASP A 287 8.60 -15.50 3.55
N HIS A 288 7.72 -16.05 2.70
CA HIS A 288 6.39 -15.43 2.46
C HIS A 288 5.61 -15.45 3.78
N ASP A 289 4.63 -14.57 3.90
CA ASP A 289 3.94 -14.33 5.21
C ASP A 289 2.49 -14.84 5.13
N PRO A 290 2.21 -16.07 5.63
CA PRO A 290 0.86 -16.65 5.60
C PRO A 290 -0.16 -15.94 6.48
N ILE A 291 0.29 -15.22 7.52
CA ILE A 291 -0.65 -14.42 8.35
C ILE A 291 -1.06 -13.18 7.54
N HIS A 292 -0.11 -12.44 6.94
CA HIS A 292 -0.46 -11.21 6.16
C HIS A 292 -1.40 -11.55 4.99
N ASP A 293 -1.22 -12.71 4.35
CA ASP A 293 -2.04 -13.23 3.22
C ASP A 293 -3.52 -13.39 3.57
N GLN A 294 -3.83 -13.66 4.84
CA GLN A 294 -5.23 -13.70 5.34
C GLN A 294 -5.98 -14.83 4.60
N SER A 295 -5.28 -15.93 4.34
CA SER A 295 -5.81 -17.03 3.50
C SER A 295 -6.12 -18.29 4.35
N TRP A 296 -5.73 -18.34 5.63
CA TRP A 296 -5.87 -19.56 6.46
C TRP A 296 -6.95 -19.40 7.56
N TYR A 297 -7.66 -20.48 7.87
CA TYR A 297 -8.50 -20.62 9.09
C TYR A 297 -7.95 -21.84 9.84
N LEU A 298 -7.54 -21.69 11.09
CA LEU A 298 -7.04 -22.83 11.90
C LEU A 298 -8.24 -23.65 12.40
N ASP A 299 -8.51 -24.80 11.77
CA ASP A 299 -9.55 -25.77 12.19
C ASP A 299 -9.04 -26.61 13.39
N GLN A 300 -9.85 -27.53 13.91
CA GLN A 300 -9.46 -28.32 15.10
C GLN A 300 -8.11 -29.04 14.87
N THR A 301 -7.88 -29.60 13.69
CA THR A 301 -6.63 -30.31 13.33
C THR A 301 -5.43 -29.35 13.43
N LEU A 302 -5.55 -28.17 12.84
CA LEU A 302 -4.42 -27.20 12.79
C LEU A 302 -4.17 -26.65 14.20
N ARG A 303 -5.21 -26.41 14.99
CA ARG A 303 -5.03 -25.83 16.35
C ARG A 303 -4.30 -26.86 17.21
N LYS A 304 -4.64 -28.15 17.06
CA LYS A 304 -3.97 -29.20 17.88
C LYS A 304 -2.48 -29.34 17.48
N ARG A 305 -2.16 -29.30 16.20
CA ARG A 305 -0.79 -29.32 15.63
C ARG A 305 0.03 -28.11 16.13
N LEU A 306 -0.58 -26.94 16.20
CA LEU A 306 0.10 -25.71 16.72
C LEU A 306 0.54 -25.96 18.16
N TYR A 307 -0.37 -26.49 18.98
CA TYR A 307 -0.11 -26.79 20.39
C TYR A 307 1.00 -27.88 20.50
N GLU A 308 0.80 -29.04 19.85
CA GLU A 308 1.65 -30.25 20.05
C GLU A 308 3.05 -30.05 19.44
N GLU A 309 3.14 -29.48 18.23
CA GLU A 309 4.39 -29.41 17.43
C GLU A 309 5.18 -28.12 17.71
N TYR A 310 4.52 -27.04 18.17
CA TYR A 310 5.16 -25.70 18.30
C TYR A 310 5.03 -25.17 19.73
N GLY A 311 4.26 -25.80 20.60
CA GLY A 311 4.13 -25.37 22.00
C GLY A 311 3.29 -24.13 22.21
N VAL A 312 2.39 -23.81 21.27
CA VAL A 312 1.61 -22.52 21.28
C VAL A 312 0.15 -22.79 21.72
N GLN A 313 -0.27 -22.10 22.76
CA GLN A 313 -1.67 -22.12 23.26
C GLN A 313 -2.30 -20.75 22.92
N GLY A 314 -3.59 -20.74 22.63
CA GLY A 314 -4.35 -19.48 22.39
C GLY A 314 -5.51 -19.34 23.34
N TRP A 315 -6.43 -18.45 23.02
CA TRP A 315 -7.64 -18.15 23.79
C TRP A 315 -8.82 -18.43 22.84
N ALA A 316 -9.71 -19.35 23.22
CA ALA A 316 -10.97 -19.62 22.51
C ALA A 316 -12.06 -18.81 23.19
N ILE A 317 -12.66 -17.84 22.50
CA ILE A 317 -13.57 -16.83 23.12
C ILE A 317 -14.92 -16.89 22.37
N VAL A 318 -16.01 -17.11 23.08
CA VAL A 318 -17.37 -16.95 22.49
C VAL A 318 -17.90 -15.55 22.82
N GLN A 319 -18.12 -14.76 21.78
CA GLN A 319 -18.62 -13.36 21.87
C GLN A 319 -20.16 -13.41 21.78
N PHE A 320 -20.82 -13.12 22.90
CA PHE A 320 -22.31 -13.07 23.05
C PHE A 320 -22.79 -11.66 22.67
N LEU A 321 -24.09 -11.50 22.41
CA LEU A 321 -24.69 -10.15 22.28
C LEU A 321 -24.21 -9.22 23.40
N GLY A 322 -23.72 -8.05 23.03
CA GLY A 322 -23.25 -7.02 23.95
C GLY A 322 -21.83 -7.24 24.51
N ASP A 323 -21.14 -8.28 24.14
CA ASP A 323 -19.72 -8.48 24.54
C ASP A 323 -18.79 -7.59 23.68
N ALA A 324 -17.86 -6.89 24.33
CA ALA A 324 -16.76 -6.14 23.68
C ALA A 324 -15.47 -6.97 23.81
N VAL A 325 -14.90 -7.44 22.70
CA VAL A 325 -13.57 -8.14 22.68
C VAL A 325 -12.45 -7.10 22.45
N PHE A 326 -11.46 -7.05 23.34
CA PHE A 326 -10.25 -6.20 23.23
C PHE A 326 -9.13 -7.08 22.64
N ILE A 327 -8.66 -6.73 21.43
CA ILE A 327 -7.62 -7.52 20.71
C ILE A 327 -6.29 -6.72 20.76
N PRO A 328 -5.24 -7.25 21.40
CA PRO A 328 -3.95 -6.56 21.46
C PRO A 328 -3.26 -6.43 20.09
N ALA A 329 -2.63 -5.28 19.83
CA ALA A 329 -1.79 -5.06 18.63
C ALA A 329 -0.81 -6.22 18.45
N GLY A 330 -0.74 -6.72 17.22
CA GLY A 330 0.20 -7.79 16.84
C GLY A 330 -0.34 -9.20 17.10
N ALA A 331 -1.46 -9.35 17.81
CA ALA A 331 -2.03 -10.66 18.17
C ALA A 331 -2.74 -11.29 16.96
N PRO A 332 -2.26 -12.43 16.41
CA PRO A 332 -2.99 -13.12 15.35
C PRO A 332 -4.37 -13.58 15.82
N HIS A 333 -5.42 -13.43 14.99
CA HIS A 333 -6.82 -13.78 15.41
C HIS A 333 -7.71 -14.09 14.19
N GLN A 334 -8.69 -14.96 14.42
CA GLN A 334 -9.68 -15.45 13.43
C GLN A 334 -11.08 -15.47 14.10
N VAL A 335 -12.13 -15.36 13.27
CA VAL A 335 -13.54 -15.19 13.73
C VAL A 335 -14.42 -16.16 12.90
N HIS A 336 -15.33 -16.88 13.57
CA HIS A 336 -16.24 -17.90 12.99
C HIS A 336 -17.66 -17.58 13.52
N ASN A 337 -18.53 -16.98 12.72
CA ASN A 337 -19.91 -16.64 13.17
C ASN A 337 -20.74 -17.92 13.35
N LEU A 338 -21.38 -18.03 14.51
CA LEU A 338 -22.26 -19.16 14.91
C LEU A 338 -23.66 -18.84 14.40
N TYR A 339 -24.09 -17.59 14.54
CA TYR A 339 -25.35 -17.04 13.99
C TYR A 339 -25.07 -15.76 13.18
N SER A 340 -26.10 -15.14 12.56
CA SER A 340 -25.90 -13.86 11.83
C SER A 340 -25.52 -12.73 12.80
N CYS A 341 -24.44 -11.99 12.50
CA CYS A 341 -23.85 -10.99 13.42
C CYS A 341 -23.70 -9.63 12.78
N ILE A 342 -23.95 -8.60 13.61
CA ILE A 342 -23.53 -7.20 13.39
C ILE A 342 -22.51 -6.85 14.47
N LYS A 343 -21.29 -6.58 14.06
CA LYS A 343 -20.17 -6.18 14.96
C LYS A 343 -19.74 -4.76 14.55
N VAL A 344 -19.32 -3.93 15.51
CA VAL A 344 -18.75 -2.59 15.23
C VAL A 344 -17.44 -2.46 16.03
N ALA A 345 -16.35 -2.13 15.36
CA ALA A 345 -15.00 -2.12 15.96
C ALA A 345 -14.36 -0.74 15.83
N GLU A 346 -13.54 -0.35 16.81
CA GLU A 346 -12.77 0.92 16.80
C GLU A 346 -11.30 0.59 17.04
N ASP A 347 -10.38 1.10 16.23
CA ASP A 347 -8.93 0.93 16.46
C ASP A 347 -8.46 1.99 17.46
N PHE A 348 -7.38 1.72 18.19
CA PHE A 348 -6.73 2.69 19.12
C PHE A 348 -5.26 2.28 19.28
N VAL A 349 -4.45 3.17 19.86
CA VAL A 349 -3.01 2.92 20.11
C VAL A 349 -2.71 3.13 21.60
N SER A 350 -2.70 2.05 22.37
CA SER A 350 -2.38 2.10 23.81
C SER A 350 -0.87 2.26 23.98
N PRO A 351 -0.42 2.91 25.06
CA PRO A 351 1.01 3.05 25.28
C PRO A 351 1.68 1.68 25.52
N GLU A 352 0.95 0.72 26.13
CA GLU A 352 1.43 -0.66 26.40
C GLU A 352 1.92 -1.33 25.10
N HIS A 353 1.34 -1.01 23.95
CA HIS A 353 1.56 -1.81 22.69
C HIS A 353 2.04 -0.95 21.52
N VAL A 354 2.42 0.30 21.77
CA VAL A 354 2.89 1.20 20.68
C VAL A 354 4.09 0.63 19.92
N LYS A 355 4.97 -0.18 20.51
CA LYS A 355 6.08 -0.83 19.75
C LYS A 355 5.58 -1.55 18.50
N HIS A 356 4.34 -2.10 18.49
CA HIS A 356 3.85 -2.94 17.38
C HIS A 356 3.63 -2.12 16.09
N CYS A 357 3.51 -0.79 16.15
CA CYS A 357 3.27 0.07 14.95
C CYS A 357 4.49 0.95 14.59
N PHE A 358 5.63 0.77 15.24
CA PHE A 358 6.85 1.58 14.95
C PHE A 358 7.47 1.08 13.62
N ARG A 359 7.92 1.99 12.75
CA ARG A 359 8.42 1.65 11.37
C ARG A 359 9.92 1.31 11.34
N LEU A 360 10.67 1.35 12.44
CA LEU A 360 12.11 1.00 12.42
C LEU A 360 12.45 -0.20 13.32
N THR A 361 13.70 -0.67 13.24
CA THR A 361 14.35 -1.81 13.96
C THR A 361 13.37 -2.98 14.05
N MET B 23 34.61 11.93 -37.03
CA MET B 23 35.48 11.11 -36.12
C MET B 23 35.02 11.28 -34.65
N THR B 24 33.97 12.05 -34.38
CA THR B 24 33.36 12.13 -33.03
C THR B 24 33.05 10.69 -32.56
N SER B 25 33.54 10.32 -31.37
CA SER B 25 33.27 8.97 -30.79
C SER B 25 31.78 8.80 -30.51
N HIS B 26 31.17 7.78 -31.11
CA HIS B 26 29.73 7.47 -31.00
C HIS B 26 29.44 6.01 -31.35
N SER B 27 28.26 5.54 -30.98
CA SER B 27 27.68 4.26 -31.41
C SER B 27 26.16 4.39 -31.40
N TRP B 28 25.44 3.37 -31.87
CA TRP B 28 23.97 3.37 -32.04
C TRP B 28 23.44 2.20 -31.20
N LEU B 29 22.53 2.46 -30.26
CA LEU B 29 21.89 1.40 -29.43
C LEU B 29 20.42 1.28 -29.83
N CYS B 30 19.62 0.49 -29.09
CA CYS B 30 18.19 0.26 -29.43
C CYS B 30 18.11 -0.11 -30.92
N ASP B 31 18.94 -1.09 -31.38
CA ASP B 31 18.95 -1.62 -32.77
C ASP B 31 19.10 -0.47 -33.79
N GLY B 32 20.10 0.40 -33.64
CA GLY B 32 20.41 1.50 -34.58
C GLY B 32 19.62 2.79 -34.36
N ARG B 33 18.66 2.85 -33.44
CA ARG B 33 17.68 3.98 -33.34
C ARG B 33 18.04 5.01 -32.22
N LEU B 34 19.10 4.78 -31.42
CA LEU B 34 19.50 5.71 -30.32
C LEU B 34 20.97 6.13 -30.48
N LEU B 35 21.23 7.41 -30.76
CA LEU B 35 22.60 7.95 -30.74
C LEU B 35 23.14 7.90 -29.30
N CYS B 36 24.36 7.38 -29.14
CA CYS B 36 25.16 7.38 -27.90
C CYS B 36 26.49 8.07 -28.21
N LEU B 37 26.73 9.26 -27.69
CA LEU B 37 28.00 10.02 -27.79
C LEU B 37 28.88 9.71 -26.57
N HIS B 38 30.15 9.39 -26.78
CA HIS B 38 31.03 8.80 -25.72
C HIS B 38 32.04 9.78 -25.14
N ASP B 39 32.27 10.96 -25.73
CA ASP B 39 33.15 11.97 -25.11
C ASP B 39 32.32 13.20 -24.75
N PRO B 40 32.02 13.41 -23.44
CA PRO B 40 31.05 14.45 -23.06
C PRO B 40 31.52 15.89 -23.35
N SER B 41 32.83 16.12 -23.47
CA SER B 41 33.39 17.47 -23.74
C SER B 41 33.90 17.66 -25.19
N ASN B 42 33.61 16.77 -26.14
CA ASN B 42 33.97 17.01 -27.57
C ASN B 42 33.10 18.16 -28.16
N LYS B 43 33.73 19.23 -28.63
CA LYS B 43 33.07 20.43 -29.19
C LYS B 43 32.31 20.12 -30.50
N ASN B 44 32.54 18.98 -31.16
CA ASN B 44 31.81 18.56 -32.38
C ASN B 44 30.56 17.69 -32.07
N ASN B 45 30.20 17.48 -30.80
CA ASN B 45 29.06 16.58 -30.42
C ASN B 45 27.78 16.98 -31.14
N TRP B 46 27.59 18.29 -31.37
CA TRP B 46 26.37 18.90 -31.94
C TRP B 46 26.13 18.37 -33.37
N LYS B 47 27.17 17.99 -34.11
CA LYS B 47 27.07 17.64 -35.56
C LYS B 47 26.11 16.49 -35.81
N ILE B 48 26.28 15.36 -35.12
CA ILE B 48 25.42 14.14 -35.33
C ILE B 48 24.14 14.27 -34.46
N PHE B 49 24.26 14.93 -33.32
CA PHE B 49 23.11 15.22 -32.41
C PHE B 49 21.95 15.89 -33.16
N ARG B 50 22.23 16.92 -33.99
CA ARG B 50 21.23 17.82 -34.64
C ARG B 50 20.11 17.05 -35.35
N GLU B 51 20.43 16.14 -36.28
CA GLU B 51 19.37 15.43 -37.06
C GLU B 51 18.56 14.51 -36.13
N CYS B 52 19.19 13.81 -35.18
CA CYS B 52 18.43 12.95 -34.22
C CYS B 52 17.41 13.82 -33.47
N TRP B 53 17.84 14.97 -32.94
CA TRP B 53 17.01 15.90 -32.14
C TRP B 53 15.92 16.53 -33.03
N LYS B 54 16.21 16.85 -34.30
CA LYS B 54 15.16 17.36 -35.23
C LYS B 54 14.07 16.29 -35.45
N GLN B 55 14.42 15.01 -35.57
CA GLN B 55 13.47 13.90 -35.78
C GLN B 55 12.71 13.58 -34.47
N GLY B 56 13.00 14.25 -33.36
CA GLY B 56 12.27 14.04 -32.09
C GLY B 56 12.75 12.84 -31.30
N GLN B 57 13.99 12.41 -31.49
CA GLN B 57 14.58 11.25 -30.76
C GLN B 57 15.28 11.73 -29.49
N PRO B 58 15.24 10.90 -28.42
CA PRO B 58 16.16 11.09 -27.32
C PRO B 58 17.58 10.74 -27.79
N VAL B 59 18.57 11.24 -27.06
CA VAL B 59 20.02 11.01 -27.28
C VAL B 59 20.66 10.74 -25.91
N LEU B 60 21.67 9.87 -25.87
CA LEU B 60 22.46 9.59 -24.65
C LEU B 60 23.91 10.06 -24.80
N VAL B 61 24.48 10.62 -23.76
CA VAL B 61 25.91 11.06 -23.72
C VAL B 61 26.52 10.38 -22.49
N SER B 62 27.54 9.56 -22.68
CA SER B 62 28.10 8.74 -21.57
C SER B 62 29.33 9.47 -21.01
N GLY B 63 29.81 9.10 -19.81
CA GLY B 63 31.10 9.55 -19.25
C GLY B 63 31.05 10.83 -18.42
N VAL B 64 29.87 11.37 -18.05
CA VAL B 64 29.80 12.69 -17.34
C VAL B 64 30.37 12.54 -15.91
N HIS B 65 30.27 11.36 -15.32
CA HIS B 65 30.78 11.04 -13.94
C HIS B 65 32.28 11.28 -13.83
N LYS B 66 33.00 11.03 -14.92
CA LYS B 66 34.47 11.20 -14.98
C LYS B 66 34.84 12.68 -14.92
N LYS B 67 33.92 13.59 -15.25
CA LYS B 67 34.14 15.05 -15.22
C LYS B 67 33.79 15.67 -13.85
N LEU B 68 33.05 14.97 -12.99
CA LEU B 68 32.52 15.53 -11.71
C LEU B 68 33.52 15.21 -10.56
N LYS B 69 33.38 15.91 -9.44
CA LYS B 69 34.01 15.58 -8.13
C LYS B 69 33.17 14.55 -7.41
N SER B 70 33.57 13.28 -7.49
CA SER B 70 32.77 12.13 -7.01
C SER B 70 32.44 12.23 -5.50
N GLU B 71 33.29 12.86 -4.66
CA GLU B 71 33.07 13.02 -3.19
C GLU B 71 31.85 13.92 -2.93
N LEU B 72 31.45 14.76 -3.89
CA LEU B 72 30.28 15.65 -3.73
C LEU B 72 28.97 14.86 -3.93
N TRP B 73 28.98 13.68 -4.55
CA TRP B 73 27.73 13.03 -5.01
C TRP B 73 27.48 11.70 -4.25
N LYS B 74 27.91 11.58 -2.99
CA LYS B 74 27.82 10.31 -2.22
C LYS B 74 26.67 10.41 -1.21
N PRO B 75 25.87 9.34 -1.04
CA PRO B 75 24.78 9.34 -0.04
C PRO B 75 25.23 9.75 1.37
N GLU B 76 26.44 9.32 1.79
CA GLU B 76 26.98 9.56 3.16
C GLU B 76 27.22 11.07 3.35
N ALA B 77 27.66 11.78 2.31
CA ALA B 77 27.92 13.25 2.39
C ALA B 77 26.59 14.02 2.50
N PHE B 78 25.55 13.66 1.75
CA PHE B 78 24.24 14.37 1.84
C PHE B 78 23.69 14.19 3.27
N SER B 79 23.84 13.01 3.84
CA SER B 79 23.35 12.68 5.21
C SER B 79 24.11 13.50 6.25
N GLN B 80 25.46 13.55 6.16
CA GLN B 80 26.27 14.31 7.14
C GLN B 80 26.01 15.81 7.02
N GLU B 81 25.86 16.34 5.81
CA GLU B 81 25.71 17.80 5.60
C GLU B 81 24.29 18.28 5.88
N PHE B 82 23.24 17.49 5.59
CA PHE B 82 21.85 18.01 5.50
C PHE B 82 20.87 17.13 6.29
N GLY B 83 21.38 16.18 7.07
CA GLY B 83 20.61 15.06 7.63
C GLY B 83 19.56 15.45 8.67
N ASP B 84 19.65 16.65 9.29
CA ASP B 84 18.71 17.04 10.37
C ASP B 84 17.56 17.88 9.79
N GLN B 85 17.46 18.03 8.46
CA GLN B 85 16.31 18.72 7.83
C GLN B 85 15.07 17.81 7.84
N ASP B 86 13.89 18.41 7.91
CA ASP B 86 12.60 17.68 7.87
C ASP B 86 12.14 17.62 6.42
N VAL B 87 11.54 16.49 6.05
CA VAL B 87 11.22 16.23 4.63
C VAL B 87 10.05 15.24 4.54
N ASP B 88 9.36 15.22 3.39
CA ASP B 88 8.35 14.18 3.07
C ASP B 88 8.99 13.14 2.13
N LEU B 89 8.62 11.87 2.31
CA LEU B 89 8.96 10.75 1.39
C LEU B 89 7.67 10.23 0.75
N VAL B 90 7.82 9.54 -0.39
CA VAL B 90 6.74 8.80 -1.10
C VAL B 90 7.10 7.32 -1.13
N ASN B 91 6.14 6.48 -0.76
CA ASN B 91 6.20 5.02 -0.89
C ASN B 91 5.86 4.70 -2.36
N CYS B 92 6.83 4.24 -3.15
CA CYS B 92 6.70 4.00 -4.61
C CYS B 92 5.66 2.91 -4.91
N ARG B 93 5.43 1.96 -3.99
CA ARG B 93 4.47 0.84 -4.21
C ARG B 93 3.00 1.32 -4.14
N ASN B 94 2.66 2.28 -3.28
CA ASN B 94 1.23 2.63 -3.05
C ASN B 94 1.01 4.14 -3.15
N CYS B 95 2.03 4.94 -3.49
CA CYS B 95 1.97 6.43 -3.63
C CYS B 95 1.66 7.12 -2.30
N ALA B 96 1.69 6.46 -1.14
CA ALA B 96 1.42 7.12 0.16
C ALA B 96 2.55 8.10 0.52
N ILE B 97 2.22 9.25 1.12
CA ILE B 97 3.21 10.23 1.65
C ILE B 97 3.54 9.91 3.11
N ILE B 98 4.84 9.77 3.42
CA ILE B 98 5.39 9.65 4.80
C ILE B 98 5.88 11.06 5.17
N SER B 99 5.08 11.82 5.93
CA SER B 99 5.32 13.28 6.18
C SER B 99 6.21 13.55 7.39
N ASP B 100 7.09 14.53 7.20
CA ASP B 100 7.84 15.18 8.28
C ASP B 100 8.76 14.18 9.00
N VAL B 101 9.60 13.46 8.26
CA VAL B 101 10.70 12.67 8.83
C VAL B 101 12.02 13.38 8.54
N LYS B 102 13.13 12.83 9.02
CA LYS B 102 14.48 13.44 8.85
C LYS B 102 15.11 12.94 7.55
N VAL B 103 15.79 13.84 6.82
CA VAL B 103 16.55 13.56 5.58
C VAL B 103 17.51 12.39 5.87
N ARG B 104 18.13 12.32 7.05
CA ARG B 104 19.08 11.19 7.35
C ARG B 104 18.38 9.82 7.38
N ASP B 105 17.05 9.75 7.67
CA ASP B 105 16.33 8.45 7.67
C ASP B 105 16.12 7.93 6.23
N PHE B 106 16.09 8.79 5.21
CA PHE B 106 16.12 8.36 3.79
C PHE B 106 17.55 7.90 3.43
N TRP B 107 18.57 8.76 3.63
CA TRP B 107 19.95 8.46 3.15
C TRP B 107 20.54 7.25 3.88
N ASP B 108 20.26 7.02 5.18
CA ASP B 108 20.96 5.94 5.92
C ASP B 108 20.47 4.55 5.48
N GLY B 109 19.30 4.47 4.83
CA GLY B 109 18.75 3.25 4.20
C GLY B 109 19.03 3.14 2.70
N PHE B 110 19.78 4.07 2.10
CA PHE B 110 19.98 4.09 0.62
C PHE B 110 20.53 2.74 0.10
N GLU B 111 21.51 2.16 0.81
CA GLU B 111 22.20 0.92 0.38
C GLU B 111 22.14 -0.16 1.46
N ILE B 112 21.58 0.11 2.64
CA ILE B 112 21.42 -0.86 3.79
C ILE B 112 19.92 -1.11 3.97
N ILE B 113 19.41 -2.20 3.45
CA ILE B 113 17.94 -2.44 3.37
C ILE B 113 17.35 -2.56 4.80
N CYS B 114 18.06 -3.17 5.74
CA CYS B 114 17.53 -3.45 7.10
C CYS B 114 17.32 -2.13 7.86
N LYS B 115 17.95 -1.03 7.40
CA LYS B 115 17.82 0.32 8.03
C LYS B 115 16.62 1.10 7.50
N ARG B 116 15.90 0.59 6.51
CA ARG B 116 14.82 1.38 5.86
C ARG B 116 13.59 1.46 6.76
N LEU B 117 12.83 2.57 6.65
CA LEU B 117 11.45 2.65 7.20
C LEU B 117 10.60 1.50 6.60
N ARG B 118 9.77 0.86 7.44
CA ARG B 118 8.89 -0.27 7.06
C ARG B 118 7.42 0.12 6.88
N SER B 119 6.72 -0.63 6.02
CA SER B 119 5.26 -0.53 5.84
C SER B 119 4.57 -1.42 6.91
N GLU B 120 3.26 -1.38 6.94
CA GLU B 120 2.33 -2.12 7.87
C GLU B 120 2.64 -3.62 7.85
N ASP B 121 3.11 -4.17 6.72
CA ASP B 121 3.37 -5.63 6.54
C ASP B 121 4.75 -6.00 7.08
N GLY B 122 5.45 -5.07 7.74
CA GLY B 122 6.81 -5.30 8.23
C GLY B 122 7.91 -5.29 7.17
N GLN B 123 7.60 -5.01 5.89
CA GLN B 123 8.62 -5.05 4.81
C GLN B 123 9.31 -3.69 4.72
N PRO B 124 10.61 -3.66 4.41
CA PRO B 124 11.30 -2.42 4.07
C PRO B 124 10.63 -1.74 2.86
N MET B 125 10.43 -0.42 2.94
CA MET B 125 9.75 0.34 1.85
C MET B 125 10.77 0.72 0.74
N VAL B 126 10.27 0.81 -0.48
CA VAL B 126 10.95 1.49 -1.62
C VAL B 126 10.47 2.94 -1.61
N LEU B 127 11.38 3.83 -1.28
CA LEU B 127 11.04 5.24 -1.02
C LEU B 127 11.73 6.18 -2.03
N LYS B 128 11.07 7.29 -2.32
CA LYS B 128 11.70 8.46 -2.98
C LYS B 128 11.57 9.72 -2.12
N LEU B 129 12.60 10.54 -2.17
CA LEU B 129 12.63 11.82 -1.45
C LEU B 129 11.79 12.80 -2.26
N LYS B 130 10.79 13.42 -1.67
CA LYS B 130 9.93 14.40 -2.39
C LYS B 130 10.52 15.82 -2.26
N ASP B 131 10.60 16.51 -3.39
CA ASP B 131 10.81 17.99 -3.45
C ASP B 131 12.02 18.41 -2.60
N TRP B 132 13.19 17.84 -2.89
CA TRP B 132 14.42 18.12 -2.13
C TRP B 132 15.65 18.21 -3.05
N PRO B 133 16.50 19.26 -2.92
CA PRO B 133 16.17 20.47 -2.18
C PRO B 133 14.85 21.07 -2.65
N PRO B 134 14.08 21.74 -1.76
CA PRO B 134 12.76 22.23 -2.10
C PRO B 134 12.74 23.39 -3.09
N GLY B 135 11.69 23.42 -3.92
CA GLY B 135 11.45 24.44 -4.93
C GLY B 135 12.71 24.69 -5.71
N GLU B 136 13.26 25.92 -5.62
CA GLU B 136 14.43 26.38 -6.39
C GLU B 136 15.62 26.60 -5.43
N ASP B 137 15.65 25.89 -4.31
CA ASP B 137 16.69 26.09 -3.27
C ASP B 137 18.03 25.41 -3.61
N PHE B 138 18.11 24.64 -4.71
CA PHE B 138 19.30 23.83 -5.04
C PHE B 138 20.54 24.72 -5.09
N ARG B 139 20.49 25.84 -5.83
CA ARG B 139 21.66 26.77 -5.91
C ARG B 139 22.05 27.26 -4.50
N ASP B 140 21.09 27.72 -3.70
CA ASP B 140 21.37 28.36 -2.39
C ASP B 140 21.81 27.31 -1.39
N MET B 141 21.18 26.12 -1.39
CA MET B 141 21.50 25.08 -0.38
C MET B 141 22.82 24.38 -0.72
N MET B 142 23.13 24.17 -2.00
CA MET B 142 24.23 23.28 -2.44
C MET B 142 25.06 23.99 -3.51
N PRO B 143 25.68 25.16 -3.23
CA PRO B 143 26.40 25.91 -4.26
C PRO B 143 27.57 25.17 -4.94
N THR B 144 28.34 24.36 -4.20
CA THR B 144 29.50 23.63 -4.78
C THR B 144 29.00 22.52 -5.72
N ARG B 145 27.89 21.83 -5.37
CA ARG B 145 27.21 20.86 -6.27
C ARG B 145 26.64 21.55 -7.52
N PHE B 146 25.98 22.70 -7.38
CA PHE B 146 25.48 23.50 -8.52
C PHE B 146 26.63 23.75 -9.52
N GLU B 147 27.76 24.28 -9.06
CA GLU B 147 28.94 24.63 -9.90
C GLU B 147 29.49 23.35 -10.57
N ASP B 148 29.64 22.27 -9.81
CA ASP B 148 30.21 20.99 -10.33
C ASP B 148 29.31 20.49 -11.48
N LEU B 149 28.00 20.50 -11.30
CA LEU B 149 27.08 19.99 -12.37
C LEU B 149 27.05 20.95 -13.58
N MET B 150 26.79 22.25 -13.39
CA MET B 150 26.54 23.21 -14.50
C MET B 150 27.80 23.34 -15.37
N GLU B 151 29.00 23.29 -14.80
CA GLU B 151 30.25 23.46 -15.55
C GLU B 151 30.48 22.22 -16.41
N ASN B 152 29.85 21.08 -16.12
CA ASN B 152 30.21 19.82 -16.81
C ASN B 152 29.03 19.20 -17.58
N LEU B 153 27.92 19.93 -17.77
CA LEU B 153 26.77 19.45 -18.60
C LEU B 153 27.27 19.29 -20.04
N PRO B 154 26.93 18.18 -20.69
CA PRO B 154 27.20 17.99 -22.12
C PRO B 154 26.27 18.86 -22.98
N LEU B 155 26.64 19.00 -24.24
CA LEU B 155 25.99 19.94 -25.23
C LEU B 155 25.71 21.30 -24.57
N PRO B 156 26.77 21.93 -24.02
CA PRO B 156 26.59 23.17 -23.26
C PRO B 156 25.98 24.36 -24.05
N GLU B 157 26.18 24.44 -25.36
CA GLU B 157 25.54 25.52 -26.20
C GLU B 157 24.02 25.38 -26.03
N TYR B 158 23.53 24.16 -25.75
CA TYR B 158 22.09 23.84 -25.65
C TYR B 158 21.65 23.93 -24.19
N THR B 159 22.47 23.43 -23.27
CA THR B 159 22.00 23.11 -21.88
C THR B 159 22.34 24.19 -20.83
N LYS B 160 23.37 25.03 -21.00
CA LYS B 160 23.72 26.10 -20.01
C LYS B 160 22.84 27.34 -20.22
N ARG B 161 22.58 28.12 -19.16
N ARG B 161 22.61 28.12 -19.16
CA ARG B 161 21.69 29.32 -19.21
CA ARG B 161 21.72 29.31 -19.17
C ARG B 161 22.15 30.28 -20.32
C ARG B 161 22.15 30.29 -20.27
N ASP B 162 23.45 30.56 -20.41
CA ASP B 162 23.99 31.49 -21.43
C ASP B 162 24.49 30.74 -22.67
N GLY B 163 24.08 29.48 -22.87
CA GLY B 163 24.36 28.73 -24.12
C GLY B 163 23.89 29.51 -25.35
N ARG B 164 24.67 29.48 -26.42
CA ARG B 164 24.33 30.17 -27.70
C ARG B 164 22.97 29.72 -28.23
N LEU B 165 22.62 28.45 -28.07
CA LEU B 165 21.35 27.89 -28.65
C LEU B 165 20.32 27.57 -27.56
N ASN B 166 20.52 27.96 -26.32
CA ASN B 166 19.46 27.87 -25.27
C ASN B 166 18.62 29.15 -25.31
N LEU B 167 17.32 29.00 -25.59
CA LEU B 167 16.40 30.17 -25.71
C LEU B 167 15.66 30.49 -24.40
N ALA B 168 15.83 29.70 -23.34
CA ALA B 168 15.00 29.78 -22.10
C ALA B 168 15.09 31.17 -21.48
N SER B 169 16.28 31.80 -21.39
CA SER B 169 16.39 33.12 -20.71
C SER B 169 15.82 34.26 -21.55
N ARG B 170 15.63 34.08 -22.86
CA ARG B 170 15.24 35.17 -23.78
C ARG B 170 13.75 35.16 -24.09
N LEU B 171 13.04 34.03 -23.96
CA LEU B 171 11.63 33.95 -24.46
C LEU B 171 10.64 34.36 -23.37
N PRO B 172 9.49 34.92 -23.81
CA PRO B 172 8.37 35.16 -22.89
C PRO B 172 7.73 33.91 -22.26
N SER B 173 6.90 34.16 -21.25
CA SER B 173 6.36 33.10 -20.37
C SER B 173 5.39 32.20 -21.14
N TYR B 174 4.91 32.60 -22.32
CA TYR B 174 4.01 31.76 -23.16
C TYR B 174 4.84 30.67 -23.89
N PHE B 175 6.18 30.66 -23.77
CA PHE B 175 7.06 29.57 -24.30
C PHE B 175 7.64 28.76 -23.13
N VAL B 176 7.91 29.38 -21.99
CA VAL B 176 8.79 28.75 -20.95
C VAL B 176 8.63 29.42 -19.59
N ARG B 177 8.68 28.63 -18.52
CA ARG B 177 8.65 29.11 -17.12
C ARG B 177 9.94 29.90 -16.89
N PRO B 178 9.94 31.02 -16.13
CA PRO B 178 11.17 31.79 -15.91
C PRO B 178 12.16 31.13 -14.92
N ASP B 179 13.44 31.55 -15.03
CA ASP B 179 14.52 31.22 -14.08
C ASP B 179 14.64 29.70 -13.85
N LEU B 180 14.92 28.92 -14.91
CA LEU B 180 15.09 27.43 -14.80
C LEU B 180 16.34 27.19 -13.93
N GLY B 181 16.28 26.18 -13.05
CA GLY B 181 17.43 25.68 -12.25
C GLY B 181 17.33 24.17 -12.14
N PRO B 182 18.42 23.50 -11.73
CA PRO B 182 18.46 22.04 -11.63
C PRO B 182 17.56 21.48 -10.53
N LYS B 183 17.10 20.24 -10.74
CA LYS B 183 16.27 19.47 -9.78
C LYS B 183 16.94 18.11 -9.55
N MET B 184 16.94 17.66 -8.32
CA MET B 184 17.58 16.39 -7.86
C MET B 184 16.49 15.34 -7.70
N TYR B 185 16.71 14.11 -8.17
CA TYR B 185 15.74 12.97 -8.12
C TYR B 185 16.43 11.80 -7.41
N ASN B 186 15.96 11.47 -6.19
CA ASN B 186 16.63 10.57 -5.24
C ASN B 186 15.64 9.47 -4.82
N ALA B 187 15.90 8.21 -5.13
CA ALA B 187 14.94 7.13 -4.83
C ALA B 187 15.65 5.80 -4.76
N TYR B 188 15.11 4.88 -3.94
CA TYR B 188 15.61 3.51 -3.78
C TYR B 188 15.34 2.72 -5.06
N GLY B 189 16.06 1.61 -5.25
CA GLY B 189 15.79 0.61 -6.32
C GLY B 189 14.54 -0.21 -6.03
N LEU B 190 13.75 -0.52 -7.05
CA LEU B 190 12.64 -1.51 -6.99
C LEU B 190 13.23 -2.94 -6.95
N ILE B 191 12.57 -3.88 -6.26
CA ILE B 191 13.22 -5.14 -5.73
C ILE B 191 12.49 -6.42 -6.18
N THR B 192 11.16 -6.50 -6.01
CA THR B 192 10.41 -7.79 -6.11
C THR B 192 9.88 -8.02 -7.52
N ALA B 193 9.33 -9.22 -7.77
CA ALA B 193 8.63 -9.55 -9.03
C ALA B 193 7.40 -8.65 -9.19
N GLU B 194 6.65 -8.39 -8.12
CA GLU B 194 5.47 -7.50 -8.18
C GLU B 194 5.95 -6.04 -8.47
N ASP B 195 7.16 -5.67 -8.05
CA ASP B 195 7.76 -4.32 -8.28
C ASP B 195 8.03 -4.10 -9.78
N ARG B 196 8.11 -5.15 -10.60
CA ARG B 196 8.40 -4.97 -12.05
C ARG B 196 7.37 -4.06 -12.72
N ARG B 197 6.13 -4.03 -12.22
CA ARG B 197 4.98 -3.29 -12.80
C ARG B 197 4.84 -1.89 -12.18
N VAL B 198 5.78 -1.46 -11.33
CA VAL B 198 5.70 -0.17 -10.59
C VAL B 198 6.71 0.79 -11.24
N GLY B 199 6.38 2.08 -11.31
CA GLY B 199 7.33 3.12 -11.72
C GLY B 199 7.99 3.80 -10.52
N THR B 200 9.25 4.21 -10.66
CA THR B 200 9.88 5.23 -9.79
C THR B 200 9.20 6.58 -10.12
N THR B 201 9.12 6.92 -11.40
CA THR B 201 8.38 8.10 -11.93
C THR B 201 7.37 7.62 -12.97
N ASN B 202 6.08 7.84 -12.75
CA ASN B 202 5.05 7.33 -13.67
C ASN B 202 5.11 8.07 -15.01
N LEU B 203 4.47 7.49 -16.03
CA LEU B 203 4.37 8.05 -17.41
C LEU B 203 3.84 9.49 -17.35
N HIS B 204 4.59 10.44 -17.93
CA HIS B 204 4.22 11.87 -17.94
C HIS B 204 4.93 12.55 -19.14
N LEU B 205 4.64 13.84 -19.37
CA LEU B 205 5.48 14.64 -20.31
C LEU B 205 5.85 15.96 -19.64
N ASP B 206 6.93 16.57 -20.12
CA ASP B 206 7.41 17.90 -19.65
C ASP B 206 7.25 18.90 -20.79
N VAL B 207 6.99 20.17 -20.44
CA VAL B 207 6.63 21.24 -21.41
C VAL B 207 7.92 21.87 -21.98
N SER B 208 9.10 21.54 -21.47
CA SER B 208 10.38 22.06 -22.01
C SER B 208 11.27 20.87 -22.40
N ASP B 209 12.35 21.12 -23.15
CA ASP B 209 13.43 20.11 -23.30
C ASP B 209 14.10 19.87 -21.92
N ALA B 210 14.75 18.70 -21.72
CA ALA B 210 15.51 18.40 -20.50
C ALA B 210 16.70 17.45 -20.77
N VAL B 211 17.69 17.55 -19.90
CA VAL B 211 18.82 16.58 -19.77
C VAL B 211 18.82 16.04 -18.34
N ASN B 212 18.88 14.72 -18.21
CA ASN B 212 18.89 14.02 -16.89
C ASN B 212 20.23 13.27 -16.72
N VAL B 213 21.03 13.62 -15.72
CA VAL B 213 22.38 13.01 -15.49
C VAL B 213 22.32 12.03 -14.29
N MET B 214 22.77 10.81 -14.48
CA MET B 214 22.96 9.82 -13.38
C MET B 214 24.30 10.12 -12.68
N VAL B 215 24.29 10.65 -11.45
CA VAL B 215 25.54 11.03 -10.72
C VAL B 215 25.96 9.99 -9.68
N TYR B 216 25.09 9.06 -9.28
CA TYR B 216 25.47 8.02 -8.27
C TYR B 216 24.54 6.83 -8.41
N VAL B 217 25.08 5.62 -8.33
CA VAL B 217 24.27 4.37 -8.33
C VAL B 217 24.70 3.53 -7.13
N GLY B 218 23.74 3.20 -6.24
CA GLY B 218 24.03 2.47 -4.98
C GLY B 218 23.53 1.05 -5.06
N ILE B 219 24.43 0.09 -4.96
CA ILE B 219 24.11 -1.35 -4.98
C ILE B 219 24.20 -1.91 -3.56
N PRO B 220 23.08 -2.31 -2.91
CA PRO B 220 23.14 -2.95 -1.59
C PRO B 220 23.75 -4.36 -1.69
N ILE B 221 24.42 -4.87 -0.63
CA ILE B 221 24.79 -6.33 -0.48
C ILE B 221 24.02 -6.92 0.71
N ALA B 225 24.17 -10.23 -3.84
CA ALA B 225 23.90 -10.01 -5.27
C ALA B 225 22.56 -10.67 -5.66
N HIS B 226 21.46 -9.91 -5.54
CA HIS B 226 20.11 -10.28 -6.07
C HIS B 226 19.96 -9.64 -7.47
N ASP B 227 20.91 -9.94 -8.36
CA ASP B 227 20.93 -9.55 -9.80
C ASP B 227 19.81 -10.29 -10.54
N GLU B 228 19.13 -11.22 -9.87
CA GLU B 228 18.19 -12.18 -10.50
C GLU B 228 17.02 -11.40 -11.12
N GLU B 229 16.27 -10.70 -10.26
CA GLU B 229 15.07 -9.92 -10.66
C GLU B 229 15.50 -8.77 -11.59
N VAL B 230 16.65 -8.15 -11.33
CA VAL B 230 17.17 -7.01 -12.15
C VAL B 230 17.39 -7.49 -13.59
N LEU B 231 18.09 -8.61 -13.80
CA LEU B 231 18.35 -9.15 -15.18
C LEU B 231 17.02 -9.49 -15.89
N LYS B 232 16.05 -10.06 -15.19
CA LYS B 232 14.73 -10.38 -15.80
C LYS B 232 13.97 -9.05 -16.10
N THR B 233 14.14 -8.01 -15.29
CA THR B 233 13.42 -6.72 -15.50
C THR B 233 13.95 -6.04 -16.77
N ILE B 234 15.27 -6.10 -16.97
CA ILE B 234 15.99 -5.56 -18.17
C ILE B 234 15.45 -6.28 -19.41
N ASP B 235 15.32 -7.60 -19.32
CA ASP B 235 14.98 -8.44 -20.51
C ASP B 235 13.53 -8.18 -20.93
N GLU B 236 12.60 -8.34 -20.00
CA GLU B 236 11.15 -8.12 -20.17
C GLU B 236 10.90 -6.65 -20.55
N GLY B 237 11.77 -5.74 -20.06
CA GLY B 237 11.76 -4.29 -20.37
C GLY B 237 12.10 -4.00 -21.82
N ASP B 238 12.68 -4.98 -22.55
CA ASP B 238 12.91 -4.95 -24.03
C ASP B 238 14.20 -4.18 -24.33
N ALA B 239 15.16 -4.15 -23.40
CA ALA B 239 16.53 -3.64 -23.66
C ALA B 239 17.16 -4.44 -24.81
N ASP B 240 18.12 -3.86 -25.51
CA ASP B 240 18.74 -4.48 -26.73
C ASP B 240 19.85 -5.43 -26.28
N GLU B 241 20.38 -6.27 -27.17
CA GLU B 241 21.29 -7.38 -26.79
C GLU B 241 22.62 -6.82 -26.31
N VAL B 242 23.09 -5.73 -26.90
CA VAL B 242 24.40 -5.12 -26.54
C VAL B 242 24.34 -4.69 -25.07
N THR B 243 23.21 -4.07 -24.69
CA THR B 243 22.94 -3.54 -23.32
C THR B 243 22.94 -4.72 -22.33
N LYS B 244 22.20 -5.78 -22.66
CA LYS B 244 22.10 -7.02 -21.83
C LYS B 244 23.47 -7.69 -21.65
N GLU B 245 24.18 -7.94 -22.74
CA GLU B 245 25.48 -8.67 -22.65
C GLU B 245 26.46 -7.72 -21.96
N ARG B 246 26.20 -6.42 -22.04
CA ARG B 246 27.07 -5.37 -21.45
C ARG B 246 27.03 -5.39 -19.92
N ILE B 247 25.94 -5.84 -19.29
CA ILE B 247 25.85 -5.83 -17.80
C ILE B 247 26.57 -7.08 -17.24
N HIS B 248 27.50 -7.66 -18.02
CA HIS B 248 28.60 -8.57 -17.54
C HIS B 248 29.81 -8.64 -18.49
N ASP B 249 29.98 -7.70 -19.43
CA ASP B 249 31.13 -7.62 -20.40
C ASP B 249 32.15 -6.60 -19.89
N HIS B 250 31.66 -5.51 -19.28
CA HIS B 250 32.34 -4.68 -18.25
C HIS B 250 31.78 -5.12 -16.89
N LYS B 251 31.94 -4.29 -15.86
CA LYS B 251 31.09 -4.31 -14.63
C LYS B 251 30.62 -2.88 -14.34
N GLU B 252 29.89 -2.27 -15.27
CA GLU B 252 29.31 -0.92 -15.07
C GLU B 252 28.15 -1.08 -14.07
N LYS B 253 27.66 0.05 -13.58
CA LYS B 253 26.56 0.13 -12.61
C LYS B 253 25.30 0.57 -13.36
N PRO B 254 24.37 -0.35 -13.69
CA PRO B 254 23.09 0.02 -14.31
C PRO B 254 22.18 0.69 -13.26
N GLY B 255 21.68 1.89 -13.53
CA GLY B 255 20.88 2.65 -12.54
C GLY B 255 19.38 2.55 -12.75
N ALA B 256 18.88 2.83 -13.95
CA ALA B 256 17.43 2.92 -14.19
C ALA B 256 17.07 2.52 -15.61
N LEU B 257 15.88 1.98 -15.75
CA LEU B 257 15.25 1.59 -17.01
C LEU B 257 14.20 2.63 -17.36
N TRP B 258 14.39 3.28 -18.52
CA TRP B 258 13.47 4.29 -19.09
C TRP B 258 12.68 3.65 -20.23
N HIS B 259 11.44 4.06 -20.42
CA HIS B 259 10.74 3.95 -21.72
C HIS B 259 10.35 5.36 -22.16
N ILE B 260 10.78 5.78 -23.34
CA ILE B 260 10.51 7.11 -23.92
C ILE B 260 9.74 6.93 -25.23
N TYR B 261 8.71 7.74 -25.45
CA TYR B 261 7.90 7.75 -26.70
C TYR B 261 8.07 9.10 -27.42
N ALA B 262 7.94 9.11 -28.75
CA ALA B 262 7.92 10.36 -29.55
C ALA B 262 6.74 11.29 -29.16
N ALA B 263 6.98 12.61 -29.12
CA ALA B 263 5.95 13.64 -28.87
C ALA B 263 4.73 13.41 -29.80
N LYS B 264 4.96 13.01 -31.06
CA LYS B 264 3.84 12.83 -32.04
C LYS B 264 2.96 11.62 -31.67
N ASP B 265 3.41 10.72 -30.78
CA ASP B 265 2.63 9.51 -30.41
C ASP B 265 1.86 9.72 -29.11
N ALA B 266 1.87 10.92 -28.50
CA ALA B 266 1.21 11.13 -27.20
C ALA B 266 -0.30 10.84 -27.29
N GLU B 267 -0.98 11.25 -28.36
CA GLU B 267 -2.47 11.16 -28.43
C GLU B 267 -2.88 9.69 -28.56
N LYS B 268 -2.13 8.87 -29.30
CA LYS B 268 -2.38 7.42 -29.42
C LYS B 268 -2.21 6.77 -28.05
N ILE B 269 -1.25 7.25 -27.23
CA ILE B 269 -1.05 6.69 -25.88
C ILE B 269 -2.27 7.07 -25.02
N ARG B 270 -2.81 8.28 -25.20
CA ARG B 270 -3.97 8.75 -24.40
C ARG B 270 -5.20 7.87 -24.77
N GLU B 271 -5.39 7.57 -26.05
CA GLU B 271 -6.52 6.72 -26.52
C GLU B 271 -6.44 5.35 -25.82
N LEU B 272 -5.27 4.70 -25.82
CA LEU B 272 -5.09 3.36 -25.20
C LEU B 272 -5.48 3.42 -23.72
N LEU B 273 -4.97 4.40 -22.98
CA LEU B 273 -5.18 4.50 -21.51
C LEU B 273 -6.58 4.98 -21.16
N ARG B 274 -7.27 5.73 -22.04
CA ARG B 274 -8.72 6.03 -21.84
C ARG B 274 -9.47 4.68 -21.85
N LYS B 275 -9.20 3.83 -22.85
CA LYS B 275 -9.87 2.50 -23.01
C LYS B 275 -9.57 1.63 -21.78
N VAL B 276 -8.31 1.38 -21.48
CA VAL B 276 -7.88 0.48 -20.36
C VAL B 276 -8.48 0.98 -19.05
N GLY B 277 -8.54 2.30 -18.85
CA GLY B 277 -9.12 2.90 -17.63
C GLY B 277 -10.61 2.59 -17.54
N GLU B 278 -11.29 2.58 -18.69
CA GLU B 278 -12.74 2.25 -18.82
C GLU B 278 -12.93 0.78 -18.46
N GLU B 279 -12.11 -0.11 -19.03
CA GLU B 279 -12.11 -1.58 -18.77
C GLU B 279 -11.86 -1.86 -17.28
N GLN B 280 -11.14 -1.01 -16.57
CA GLN B 280 -10.75 -1.24 -15.16
C GLN B 280 -11.75 -0.57 -14.19
N GLY B 281 -12.84 0.01 -14.70
CA GLY B 281 -13.88 0.59 -13.82
C GLY B 281 -13.97 2.10 -13.93
N GLN B 282 -12.83 2.80 -13.89
CA GLN B 282 -12.73 4.29 -13.88
C GLN B 282 -13.87 4.91 -14.70
N GLU B 283 -14.51 5.95 -14.17
CA GLU B 283 -15.50 6.80 -14.89
C GLU B 283 -14.82 8.14 -15.19
N ASN B 284 -14.31 8.31 -16.42
CA ASN B 284 -13.57 9.52 -16.85
C ASN B 284 -14.33 10.14 -18.03
N PRO B 285 -14.34 11.48 -18.20
CA PRO B 285 -14.84 12.10 -19.43
C PRO B 285 -14.04 11.71 -20.67
N PRO B 286 -14.60 11.85 -21.89
CA PRO B 286 -13.91 11.43 -23.11
C PRO B 286 -12.69 12.32 -23.39
N ASP B 287 -12.63 13.48 -22.70
CA ASP B 287 -11.59 14.55 -22.77
C ASP B 287 -10.37 14.20 -21.92
N HIS B 288 -10.58 13.33 -20.94
CA HIS B 288 -9.63 13.05 -19.83
C HIS B 288 -8.22 12.77 -20.37
N ASP B 289 -7.21 13.27 -19.65
CA ASP B 289 -5.78 13.19 -20.09
C ASP B 289 -4.99 12.31 -19.12
N PRO B 290 -4.85 11.00 -19.42
CA PRO B 290 -4.10 10.08 -18.57
C PRO B 290 -2.58 10.34 -18.46
N ILE B 291 -2.00 11.03 -19.44
CA ILE B 291 -0.56 11.45 -19.38
C ILE B 291 -0.48 12.59 -18.35
N HIS B 292 -1.34 13.60 -18.44
CA HIS B 292 -1.41 14.71 -17.45
C HIS B 292 -1.63 14.13 -16.03
N ASP B 293 -2.41 13.06 -15.90
CA ASP B 293 -2.72 12.42 -14.59
C ASP B 293 -1.49 11.87 -13.89
N GLN B 294 -0.45 11.44 -14.62
CA GLN B 294 0.79 10.87 -14.03
C GLN B 294 0.46 9.66 -13.14
N SER B 295 -0.55 8.86 -13.50
CA SER B 295 -1.11 7.76 -12.66
C SER B 295 -0.80 6.38 -13.26
N TRP B 296 -0.13 6.28 -14.42
CA TRP B 296 0.10 5.01 -15.16
C TRP B 296 1.59 4.65 -15.24
N TYR B 297 1.91 3.37 -15.13
CA TYR B 297 3.22 2.83 -15.57
C TYR B 297 2.96 1.75 -16.62
N LEU B 298 3.50 1.91 -17.83
CA LEU B 298 3.28 0.91 -18.91
C LEU B 298 4.15 -0.32 -18.62
N ASP B 299 3.50 -1.40 -18.16
CA ASP B 299 4.13 -2.72 -17.88
C ASP B 299 4.24 -3.48 -19.20
N GLN B 300 4.77 -4.69 -19.16
CA GLN B 300 5.01 -5.45 -20.42
C GLN B 300 3.70 -5.62 -21.19
N THR B 301 2.59 -5.92 -20.50
CA THR B 301 1.28 -6.16 -21.14
C THR B 301 0.83 -4.89 -21.88
N LEU B 302 0.94 -3.75 -21.20
CA LEU B 302 0.46 -2.47 -21.78
C LEU B 302 1.36 -2.08 -22.96
N ARG B 303 2.68 -2.22 -22.85
CA ARG B 303 3.61 -1.86 -23.95
C ARG B 303 3.29 -2.73 -25.19
N LYS B 304 3.07 -4.03 -25.01
CA LYS B 304 2.82 -4.93 -26.17
C LYS B 304 1.54 -4.50 -26.86
N ARG B 305 0.48 -4.26 -26.09
CA ARG B 305 -0.84 -3.80 -26.56
C ARG B 305 -0.72 -2.44 -27.28
N LEU B 306 0.13 -1.54 -26.77
CA LEU B 306 0.36 -0.21 -27.41
C LEU B 306 0.95 -0.45 -28.80
N TYR B 307 1.93 -1.33 -28.94
CA TYR B 307 2.53 -1.65 -30.26
C TYR B 307 1.50 -2.31 -31.20
N GLU B 308 0.85 -3.37 -30.69
N GLU B 308 0.80 -3.34 -30.70
CA GLU B 308 -0.14 -4.21 -31.41
CA GLU B 308 -0.09 -4.20 -31.54
C GLU B 308 -1.27 -3.33 -31.94
C GLU B 308 -1.35 -3.40 -31.95
N GLU B 309 -1.99 -2.67 -31.03
CA GLU B 309 -3.23 -1.92 -31.36
C GLU B 309 -2.93 -0.59 -32.06
N TYR B 310 -1.83 0.11 -31.77
CA TYR B 310 -1.68 1.51 -32.27
C TYR B 310 -0.43 1.70 -33.12
N GLY B 311 0.45 0.70 -33.22
CA GLY B 311 1.67 0.83 -34.03
C GLY B 311 2.77 1.63 -33.34
N VAL B 312 2.64 1.92 -32.03
CA VAL B 312 3.63 2.78 -31.29
C VAL B 312 4.66 1.89 -30.59
N GLN B 313 5.94 2.18 -30.78
CA GLN B 313 7.09 1.32 -30.37
C GLN B 313 7.81 1.88 -29.12
N GLY B 314 8.32 3.11 -29.15
CA GLY B 314 9.11 3.68 -28.01
C GLY B 314 10.54 3.14 -27.89
N TRP B 315 11.36 3.79 -27.04
CA TRP B 315 12.80 3.50 -26.82
C TRP B 315 12.97 2.97 -25.39
N ALA B 316 13.56 1.78 -25.20
CA ALA B 316 13.90 1.21 -23.86
C ALA B 316 15.39 1.46 -23.60
N ILE B 317 15.69 2.32 -22.64
CA ILE B 317 17.06 2.82 -22.32
C ILE B 317 17.42 2.45 -20.88
N VAL B 318 18.58 1.81 -20.72
CA VAL B 318 19.26 1.61 -19.41
C VAL B 318 20.27 2.74 -19.23
N GLN B 319 20.02 3.59 -18.21
CA GLN B 319 20.92 4.70 -17.83
C GLN B 319 21.88 4.14 -16.77
N PHE B 320 23.18 4.09 -17.11
CA PHE B 320 24.27 3.68 -16.19
C PHE B 320 24.81 4.92 -15.50
N LEU B 321 25.66 4.76 -14.49
CA LEU B 321 26.41 5.86 -13.84
C LEU B 321 27.10 6.73 -14.92
N GLY B 322 26.83 8.03 -14.87
CA GLY B 322 27.43 9.06 -15.75
C GLY B 322 26.70 9.23 -17.09
N ASP B 323 25.63 8.48 -17.35
CA ASP B 323 24.82 8.62 -18.60
C ASP B 323 23.90 9.85 -18.44
N ALA B 324 23.95 10.75 -19.42
CA ALA B 324 23.02 11.88 -19.59
C ALA B 324 22.01 11.54 -20.68
N VAL B 325 20.72 11.54 -20.32
CA VAL B 325 19.59 11.26 -21.23
C VAL B 325 18.94 12.60 -21.61
N PHE B 326 18.93 12.90 -22.90
CA PHE B 326 18.24 14.09 -23.48
C PHE B 326 16.81 13.71 -23.88
N ILE B 327 15.84 14.43 -23.36
CA ILE B 327 14.36 14.17 -23.53
C ILE B 327 13.71 15.36 -24.25
N PRO B 328 13.19 15.16 -25.48
CA PRO B 328 12.50 16.22 -26.23
C PRO B 328 11.21 16.67 -25.52
N ALA B 329 10.97 17.99 -25.47
CA ALA B 329 9.70 18.59 -25.00
C ALA B 329 8.51 17.74 -25.53
N GLY B 330 7.60 17.34 -24.64
CA GLY B 330 6.36 16.65 -25.02
C GLY B 330 6.53 15.15 -25.29
N ALA B 331 7.74 14.58 -25.21
CA ALA B 331 7.96 13.12 -25.39
C ALA B 331 7.50 12.45 -24.11
N PRO B 332 6.43 11.63 -24.11
CA PRO B 332 6.04 10.92 -22.88
C PRO B 332 7.13 9.95 -22.39
N HIS B 333 7.31 9.87 -21.07
CA HIS B 333 8.35 8.98 -20.53
C HIS B 333 8.04 8.52 -19.09
N GLN B 334 8.66 7.39 -18.75
CA GLN B 334 8.54 6.73 -17.42
C GLN B 334 9.91 6.23 -17.03
N VAL B 335 10.15 6.11 -15.71
CA VAL B 335 11.44 5.64 -15.14
C VAL B 335 11.19 4.55 -14.07
N HIS B 336 12.00 3.48 -14.08
CA HIS B 336 11.97 2.35 -13.12
C HIS B 336 13.39 2.14 -12.58
N ASN B 337 13.70 2.56 -11.33
CA ASN B 337 15.04 2.37 -10.74
C ASN B 337 15.31 0.87 -10.50
N LEU B 338 16.44 0.39 -11.02
CA LEU B 338 16.95 -0.99 -10.82
C LEU B 338 17.76 -1.07 -9.54
N TYR B 339 18.51 -0.02 -9.19
CA TYR B 339 19.25 0.12 -7.92
C TYR B 339 18.93 1.51 -7.36
N SER B 340 19.45 1.86 -6.18
CA SER B 340 19.23 3.21 -5.62
C SER B 340 20.01 4.21 -6.50
N CYS B 341 19.37 5.30 -6.92
CA CYS B 341 19.93 6.33 -7.83
C CYS B 341 19.85 7.76 -7.30
N ILE B 342 20.92 8.54 -7.54
CA ILE B 342 20.89 10.02 -7.48
C ILE B 342 20.94 10.55 -8.92
N LYS B 343 19.93 11.28 -9.39
CA LYS B 343 19.91 11.90 -10.74
C LYS B 343 19.80 13.42 -10.55
N VAL B 344 20.37 14.21 -11.49
CA VAL B 344 20.13 15.67 -11.50
C VAL B 344 19.71 16.05 -12.92
N ALA B 345 18.64 16.81 -13.07
CA ALA B 345 18.05 17.21 -14.39
C ALA B 345 18.03 18.74 -14.54
N GLU B 346 18.24 19.25 -15.76
CA GLU B 346 18.17 20.71 -16.07
C GLU B 346 17.23 20.86 -17.28
N ASP B 347 16.24 21.74 -17.19
CA ASP B 347 15.35 22.06 -18.34
C ASP B 347 16.04 23.11 -19.23
N PHE B 348 15.76 23.09 -20.54
CA PHE B 348 16.24 24.13 -21.51
C PHE B 348 15.22 24.26 -22.65
N VAL B 349 15.46 25.21 -23.56
CA VAL B 349 14.59 25.37 -24.77
C VAL B 349 15.46 25.46 -26.01
N SER B 350 15.48 24.39 -26.83
CA SER B 350 16.17 24.41 -28.14
C SER B 350 15.32 25.05 -29.25
N PRO B 351 15.98 25.70 -30.24
CA PRO B 351 15.27 26.25 -31.41
C PRO B 351 14.45 25.21 -32.16
N GLU B 352 14.97 23.98 -32.23
CA GLU B 352 14.38 22.84 -32.96
C GLU B 352 12.98 22.57 -32.39
N HIS B 353 12.77 22.81 -31.08
CA HIS B 353 11.52 22.39 -30.41
C HIS B 353 10.69 23.59 -29.91
N VAL B 354 10.96 24.83 -30.33
CA VAL B 354 10.31 26.03 -29.74
C VAL B 354 8.81 26.04 -30.08
N LYS B 355 8.42 25.57 -31.24
CA LYS B 355 6.96 25.56 -31.59
C LYS B 355 6.21 24.62 -30.61
N HIS B 356 6.76 23.44 -30.37
CA HIS B 356 6.28 22.43 -29.40
C HIS B 356 6.14 23.05 -27.99
N CYS B 357 7.19 23.76 -27.53
CA CYS B 357 7.21 24.42 -26.20
C CYS B 357 6.02 25.38 -26.04
N PHE B 358 5.69 26.17 -27.07
CA PHE B 358 4.52 27.11 -27.08
C PHE B 358 3.21 26.31 -26.90
N ARG B 359 3.03 25.29 -27.70
CA ARG B 359 1.77 24.48 -27.69
C ARG B 359 1.59 23.72 -26.36
N LEU B 360 2.68 23.17 -25.83
CA LEU B 360 2.60 22.39 -24.55
C LEU B 360 2.31 23.32 -23.37
N THR B 361 2.83 24.56 -23.41
CA THR B 361 2.63 25.58 -22.35
C THR B 361 1.13 25.95 -22.39
N GLN B 362 0.62 26.20 -23.60
CA GLN B 362 -0.82 26.53 -23.82
C GLN B 362 -1.67 25.40 -23.18
N GLU B 363 -1.36 24.14 -23.49
CA GLU B 363 -2.18 22.97 -23.07
C GLU B 363 -2.05 22.79 -21.54
N PHE B 364 -0.87 23.01 -20.96
CA PHE B 364 -0.66 22.93 -19.49
C PHE B 364 -1.58 23.93 -18.79
N ARG B 365 -1.56 25.19 -19.24
CA ARG B 365 -2.44 26.26 -18.70
C ARG B 365 -3.92 25.85 -18.79
N HIS B 366 -4.36 25.34 -19.94
CA HIS B 366 -5.77 24.89 -20.15
C HIS B 366 -6.13 23.75 -19.17
N LEU B 367 -5.24 22.78 -18.98
CA LEU B 367 -5.46 21.61 -18.09
C LEU B 367 -5.42 22.06 -16.64
N SER B 368 -4.79 23.19 -16.34
CA SER B 368 -4.62 23.72 -14.96
C SER B 368 -5.95 24.17 -14.36
N ASN B 369 -6.82 24.80 -15.16
CA ASN B 369 -8.12 25.37 -14.70
C ASN B 369 -9.27 24.74 -15.51
C10 S9G C . 7.14 -4.07 12.38
C13 S9G C . 6.79 -1.99 10.81
C15 S9G C . 4.59 -1.69 11.38
C17 S9G C . 6.74 -4.08 14.90
C02 S9G C . 8.83 -5.56 17.77
C03 S9G C . 8.09 -5.17 19.05
C04 S9G C . 7.95 -6.29 20.08
C05 S9G C . 6.73 -5.81 19.29
C07 S9G C . 8.94 -5.79 15.20
C08 S9G C . 8.02 -5.91 13.98
C12 S9G C . 6.37 -2.76 12.19
C14 S9G C . 5.84 -1.15 10.59
C18 S9G C . 6.90 -4.93 16.17
N06 S9G C . 8.24 -5.42 16.44
N09 S9G C . 7.30 -4.66 13.70
O01 S9G C . 9.93 -5.98 17.88
O11 S9G C . 7.64 -4.60 11.44
O16 S9G C . 5.09 -2.98 12.04
CL CL D . -10.54 4.01 31.01
CL CL E . -27.60 7.14 11.85
CL CL F . -11.11 -13.04 5.71
CL CL G . 2.95 -6.83 23.37
MN MN H . -8.75 -7.84 13.02
CL CL I . 27.28 22.22 -1.78
MN MN J . 10.09 14.07 -16.95
#